data_8SW1
#
_entry.id   8SW1
#
_cell.length_a   70.745
_cell.length_b   256.562
_cell.length_c   60.279
_cell.angle_alpha   90.00
_cell.angle_beta   90.00
_cell.angle_gamma   90.00
#
_symmetry.space_group_name_H-M   'P 21 21 2'
#
loop_
_entity.id
_entity.type
_entity.pdbx_description
1 polymer 'Puromycin-sensitive aminopeptidase'
2 polymer 'Polyglutamine peptide'
3 non-polymer 'ZINC ION'
#
loop_
_entity_poly.entity_id
_entity_poly.type
_entity_poly.pdbx_seq_one_letter_code
_entity_poly.pdbx_strand_id
1 'polypeptide(L)'
;MSYYHHHHHHDYDIPTTENLYFQGAMGSPEKRPFERLPADVSPINYSLCLKPDLLDFTFEGKLEAAAQVRQATNQIVMNC
ADIDIITASYAPEGDEEIHATGFNYQNEDEKVTLSFPSTLQTGTGTLKIDFVGELNDKMKGFYRSKYTTPSGEVRYAAVT
QFEATDARRAFPCWDEPAIKATFDISLVVPKDRVALSNMNVIDRKPYPDDENLVEVKFARTPVMSTYLVAFVVGEYDFVE
TRSKDGVCVRVYTPVGKAEQGKFALEVAAKTLPFYKDYFNVPYPLPKIDLIAIADFAAGAMENWGLVTYRETALLIDPKN
SCSSSRQWVALVVGHELAHQWFGNLVTMEWWTHLWLNEGFASWIEYLCVDHCFPEYDIWTQFVSADYTRAQELDALDNSH
PIEVSVGHPSEVDEIFDAISYSKGASVIRMLHDYIGDKDFKKGMNMYLTKFQQKNAATEDLWESLENASGKPIAAVMNTW
TKQMGFPLIYVEAEQVEDDRLLRLSQKKFCAGGSYVGEDCPQWMVPITISTSEDPNQAKLKILMDKPEMNVVLKNVKPDQ
WVKLNLGTVGFYRTQYSSAMLESLLPGIRDLSLPPVDRLGLQNDLFSLARAGIISTVEVLKVMEAFVNEPNYTVWSDLSC
NLGILSTLLSHTDFYEEIQEFVKDVFSPIGERLGWDPKPGEGHLDALLRGLVLGKLGKAGHKATLEEARRRFKDHVEGKQ
ILSADLRSPVYLTVLKHGDGTTLDIMLKLHKQADMQEEKNRIERVLGATLLPDLIQKVLTFALSEEVRPQDTVSVIGGVA
GGSKHGRKAAWKFIKDNWEELYNRYQGGFLISRLIKLSVEGFAVDKMAGEVKAFFESHPAPSAERTIQQCCENILLNAAW
LKRDAESIHQYLLQRKASPPTV
;
A
2 'polypeptide(L)'
;(UNK)(UNK)(UNK)(UNK)(UNK)(UNK)(UNK)(UNK)(UNK)(UNK)(UNK)(UNK)(UNK)(UNK)(UNK)(UNK)
(UNK)(UNK)(UNK)
;
B
#
# COMPACT_ATOMS: atom_id res chain seq x y z
N PHE A 34 -21.32 -18.99 -9.77
CA PHE A 34 -20.62 -19.60 -8.64
C PHE A 34 -21.57 -19.87 -7.48
N GLU A 35 -21.38 -21.02 -6.84
CA GLU A 35 -22.15 -21.38 -5.64
C GLU A 35 -21.22 -22.00 -4.62
N ARG A 36 -21.44 -21.69 -3.35
CA ARG A 36 -20.60 -22.19 -2.29
C ARG A 36 -20.86 -23.69 -2.07
N LEU A 37 -20.12 -24.25 -1.12
CA LEU A 37 -20.24 -25.67 -0.83
C LEU A 37 -21.62 -25.97 -0.23
N PRO A 38 -22.12 -27.20 -0.39
CA PRO A 38 -23.50 -27.50 0.05
C PRO A 38 -23.72 -27.34 1.55
N ALA A 39 -22.68 -27.43 2.37
CA ALA A 39 -22.74 -27.28 3.83
C ALA A 39 -23.58 -28.37 4.50
N ASP A 40 -23.89 -29.45 3.79
CA ASP A 40 -24.56 -30.58 4.43
C ASP A 40 -23.61 -31.34 5.36
N VAL A 41 -22.31 -31.22 5.15
CA VAL A 41 -21.30 -31.85 6.01
C VAL A 41 -20.28 -30.77 6.36
N SER A 42 -20.27 -30.34 7.62
CA SER A 42 -19.33 -29.31 8.06
C SER A 42 -18.24 -29.91 8.93
N PRO A 43 -16.99 -29.45 8.78
CA PRO A 43 -15.89 -30.03 9.56
C PRO A 43 -15.88 -29.55 11.00
N ILE A 44 -15.17 -30.30 11.83
CA ILE A 44 -14.99 -30.00 13.25
C ILE A 44 -13.52 -29.90 13.62
N ASN A 45 -12.71 -30.86 13.18
CA ASN A 45 -11.30 -30.90 13.50
C ASN A 45 -10.53 -31.55 12.37
N TYR A 46 -9.45 -30.90 11.93
CA TYR A 46 -8.57 -31.42 10.90
C TYR A 46 -7.34 -32.03 11.56
N SER A 47 -7.08 -33.30 11.29
CA SER A 47 -5.87 -33.98 11.75
C SER A 47 -5.00 -34.24 10.51
N LEU A 48 -3.98 -33.41 10.31
CA LEU A 48 -3.14 -33.47 9.13
C LEU A 48 -1.73 -33.92 9.50
N CYS A 49 -1.12 -34.70 8.62
CA CYS A 49 0.28 -35.12 8.77
C CYS A 49 0.89 -35.13 7.37
N LEU A 50 1.60 -34.05 7.03
CA LEU A 50 2.22 -33.90 5.72
C LEU A 50 3.70 -34.28 5.80
N LYS A 51 4.17 -35.04 4.82
CA LYS A 51 5.58 -35.37 4.69
C LYS A 51 6.13 -34.72 3.44
N PRO A 52 6.77 -33.55 3.53
CA PRO A 52 7.28 -32.87 2.33
C PRO A 52 8.44 -33.64 1.71
N ASP A 53 8.23 -34.12 0.49
CA ASP A 53 9.25 -34.88 -0.24
C ASP A 53 10.10 -33.87 -0.99
N LEU A 54 11.17 -33.41 -0.34
CA LEU A 54 12.10 -32.47 -0.96
C LEU A 54 12.86 -33.16 -2.10
N LEU A 55 13.49 -32.34 -2.94
CA LEU A 55 14.23 -32.77 -4.13
C LEU A 55 13.32 -33.34 -5.20
N ASP A 56 12.28 -34.06 -4.80
CA ASP A 56 11.27 -34.55 -5.74
C ASP A 56 10.12 -33.57 -5.94
N PHE A 57 10.02 -32.55 -5.09
CA PHE A 57 9.03 -31.47 -5.25
C PHE A 57 7.61 -32.00 -5.20
N THR A 58 7.37 -32.98 -4.34
CA THR A 58 6.05 -33.53 -4.09
C THR A 58 5.85 -33.65 -2.58
N PHE A 59 4.66 -34.09 -2.17
CA PHE A 59 4.40 -34.34 -0.76
C PHE A 59 3.20 -35.27 -0.65
N GLU A 60 3.23 -36.12 0.37
CA GLU A 60 2.12 -37.01 0.69
C GLU A 60 1.63 -36.72 2.09
N GLY A 61 0.33 -36.84 2.30
CA GLY A 61 -0.25 -36.55 3.60
C GLY A 61 -1.59 -37.22 3.75
N LYS A 62 -1.91 -37.57 5.00
CA LYS A 62 -3.19 -38.19 5.34
C LYS A 62 -3.99 -37.24 6.22
N LEU A 63 -5.31 -37.24 6.02
CA LEU A 63 -6.19 -36.32 6.70
C LEU A 63 -7.27 -37.11 7.42
N GLU A 64 -7.40 -36.91 8.73
CA GLU A 64 -8.49 -37.45 9.52
C GLU A 64 -9.33 -36.26 9.98
N ALA A 65 -10.43 -36.00 9.27
CA ALA A 65 -11.26 -34.84 9.52
C ALA A 65 -12.52 -35.27 10.27
N ALA A 66 -12.59 -34.94 11.56
CA ALA A 66 -13.84 -35.11 12.29
C ALA A 66 -14.87 -34.11 11.77
N ALA A 67 -16.03 -34.62 11.37
CA ALA A 67 -17.04 -33.81 10.73
C ALA A 67 -18.41 -34.14 11.30
N GLN A 68 -19.40 -33.33 10.92
CA GLN A 68 -20.78 -33.54 11.31
C GLN A 68 -21.66 -33.52 10.07
N VAL A 69 -22.51 -34.54 9.94
CA VAL A 69 -23.44 -34.63 8.82
C VAL A 69 -24.72 -33.94 9.26
N ARG A 70 -24.89 -32.68 8.85
CA ARG A 70 -26.06 -31.90 9.24
C ARG A 70 -27.32 -32.32 8.47
N GLN A 71 -27.17 -33.01 7.35
CA GLN A 71 -28.30 -33.43 6.54
C GLN A 71 -27.92 -34.71 5.79
N ALA A 72 -28.84 -35.67 5.76
CA ALA A 72 -28.56 -36.96 5.13
C ALA A 72 -28.20 -36.77 3.66
N THR A 73 -27.01 -37.25 3.30
CA THR A 73 -26.52 -37.12 1.94
C THR A 73 -25.69 -38.35 1.59
N ASN A 74 -25.60 -38.62 0.30
CA ASN A 74 -24.79 -39.72 -0.22
C ASN A 74 -23.44 -39.26 -0.77
N GLN A 75 -23.12 -37.98 -0.62
CA GLN A 75 -21.88 -37.44 -1.18
C GLN A 75 -21.43 -36.23 -0.37
N ILE A 76 -20.12 -36.02 -0.34
CA ILE A 76 -19.49 -34.91 0.35
C ILE A 76 -18.72 -34.08 -0.67
N VAL A 77 -18.98 -32.77 -0.69
CA VAL A 77 -18.34 -31.85 -1.63
C VAL A 77 -17.32 -31.02 -0.87
N MET A 78 -16.07 -31.06 -1.32
CA MET A 78 -14.98 -30.32 -0.71
C MET A 78 -14.26 -29.52 -1.78
N ASN A 79 -13.31 -28.70 -1.35
CA ASN A 79 -12.41 -28.00 -2.26
C ASN A 79 -11.10 -28.78 -2.37
N CYS A 80 -10.57 -28.86 -3.59
CA CYS A 80 -9.35 -29.62 -3.84
C CYS A 80 -8.80 -29.25 -5.21
N ALA A 81 -7.47 -29.10 -5.27
CA ALA A 81 -6.80 -28.76 -6.52
C ALA A 81 -5.36 -29.25 -6.45
N ASP A 82 -4.84 -29.71 -7.60
CA ASP A 82 -3.48 -30.22 -7.72
C ASP A 82 -3.20 -31.37 -6.76
N ILE A 83 -4.23 -32.12 -6.39
CA ILE A 83 -4.12 -33.23 -5.45
C ILE A 83 -4.99 -34.38 -5.93
N ASP A 84 -4.40 -35.56 -6.07
CA ASP A 84 -5.13 -36.78 -6.40
C ASP A 84 -5.29 -37.61 -5.13
N ILE A 85 -6.53 -37.99 -4.83
CA ILE A 85 -6.84 -38.76 -3.63
C ILE A 85 -6.56 -40.23 -3.90
N ILE A 86 -5.82 -40.86 -2.98
CA ILE A 86 -5.57 -42.30 -3.08
C ILE A 86 -6.82 -43.09 -2.70
N THR A 87 -7.25 -42.96 -1.45
CA THR A 87 -8.50 -43.55 -1.00
C THR A 87 -9.13 -42.61 0.03
N ALA A 88 -10.44 -42.78 0.24
CA ALA A 88 -11.18 -41.94 1.15
C ALA A 88 -12.35 -42.72 1.70
N SER A 89 -12.57 -42.61 3.01
CA SER A 89 -13.65 -43.31 3.68
C SER A 89 -14.20 -42.44 4.79
N TYR A 90 -15.49 -42.60 5.07
CA TYR A 90 -16.16 -41.90 6.15
C TYR A 90 -16.60 -42.93 7.19
N ALA A 91 -16.15 -42.75 8.43
CA ALA A 91 -16.49 -43.66 9.52
C ALA A 91 -17.37 -42.95 10.54
N PRO A 92 -18.68 -43.18 10.54
CA PRO A 92 -19.53 -42.57 11.56
C PRO A 92 -19.16 -43.07 12.96
N GLU A 93 -19.71 -42.38 13.96
CA GLU A 93 -19.35 -42.62 15.35
C GLU A 93 -19.62 -44.06 15.78
N GLY A 94 -18.57 -44.83 16.00
CA GLY A 94 -18.70 -46.20 16.47
C GLY A 94 -19.07 -47.23 15.43
N ASP A 95 -19.07 -46.87 14.15
CA ASP A 95 -19.45 -47.79 13.08
C ASP A 95 -18.25 -48.06 12.17
N GLU A 96 -18.43 -49.03 11.28
CA GLU A 96 -17.39 -49.33 10.30
C GLU A 96 -17.35 -48.26 9.22
N GLU A 97 -16.15 -47.99 8.71
CA GLU A 97 -15.99 -46.99 7.67
C GLU A 97 -16.57 -47.47 6.36
N ILE A 98 -17.10 -46.52 5.59
CA ILE A 98 -17.69 -46.77 4.27
C ILE A 98 -16.78 -46.11 3.25
N HIS A 99 -15.98 -46.91 2.55
CA HIS A 99 -15.07 -46.37 1.56
C HIS A 99 -15.83 -45.73 0.40
N ALA A 100 -15.30 -44.60 -0.08
CA ALA A 100 -15.95 -43.86 -1.16
C ALA A 100 -15.58 -44.49 -2.50
N THR A 101 -16.60 -44.84 -3.30
CA THR A 101 -16.41 -45.41 -4.63
C THR A 101 -16.77 -44.42 -5.73
N GLY A 102 -16.87 -43.14 -5.41
CA GLY A 102 -17.19 -42.13 -6.40
C GLY A 102 -16.36 -40.86 -6.26
N PHE A 103 -15.50 -40.60 -7.24
CA PHE A 103 -14.64 -39.43 -7.24
C PHE A 103 -14.99 -38.54 -8.43
N ASN A 104 -14.92 -37.23 -8.22
CA ASN A 104 -15.32 -36.27 -9.26
C ASN A 104 -14.45 -35.03 -9.08
N TYR A 105 -13.45 -34.88 -9.94
CA TYR A 105 -12.52 -33.76 -9.87
C TYR A 105 -12.97 -32.69 -10.85
N GLN A 106 -13.26 -31.51 -10.32
CA GLN A 106 -13.69 -30.36 -11.13
C GLN A 106 -12.63 -29.27 -10.98
N ASN A 107 -11.74 -29.17 -11.97
CA ASN A 107 -10.61 -28.26 -11.85
C ASN A 107 -11.02 -26.81 -12.05
N GLU A 108 -12.01 -26.54 -12.89
CA GLU A 108 -12.43 -25.16 -13.11
C GLU A 108 -13.00 -24.53 -11.83
N ASP A 109 -13.68 -25.32 -11.01
CA ASP A 109 -14.24 -24.86 -9.75
C ASP A 109 -13.41 -25.27 -8.54
N GLU A 110 -12.35 -26.06 -8.75
CA GLU A 110 -11.46 -26.50 -7.67
C GLU A 110 -12.21 -27.24 -6.58
N LYS A 111 -13.26 -27.97 -6.93
CA LYS A 111 -14.06 -28.72 -5.98
C LYS A 111 -14.16 -30.17 -6.42
N VAL A 112 -14.24 -31.06 -5.43
CA VAL A 112 -14.29 -32.50 -5.66
C VAL A 112 -15.47 -33.08 -4.90
N THR A 113 -16.26 -33.92 -5.56
CA THR A 113 -17.40 -34.60 -4.94
C THR A 113 -17.04 -36.04 -4.63
N LEU A 114 -17.20 -36.44 -3.38
CA LEU A 114 -16.88 -37.79 -2.90
C LEU A 114 -18.18 -38.55 -2.66
N SER A 115 -18.54 -39.42 -3.59
CA SER A 115 -19.77 -40.19 -3.48
C SER A 115 -19.54 -41.46 -2.66
N PHE A 116 -20.60 -41.95 -2.03
CA PHE A 116 -20.57 -43.11 -1.17
C PHE A 116 -21.71 -44.06 -1.52
N PRO A 117 -21.55 -45.36 -1.25
CA PRO A 117 -22.63 -46.31 -1.60
C PRO A 117 -23.93 -46.05 -0.85
N SER A 118 -23.87 -45.81 0.46
CA SER A 118 -25.05 -45.60 1.27
C SER A 118 -25.02 -44.22 1.90
N THR A 119 -26.20 -43.74 2.30
CA THR A 119 -26.33 -42.43 2.93
C THR A 119 -25.59 -42.41 4.27
N LEU A 120 -24.92 -41.30 4.55
CA LEU A 120 -24.12 -41.20 5.77
C LEU A 120 -24.96 -40.89 7.01
N GLN A 121 -26.14 -40.29 6.83
CA GLN A 121 -27.11 -40.03 7.90
C GLN A 121 -26.58 -39.00 8.90
N THR A 122 -27.50 -38.36 9.63
CA THR A 122 -27.12 -37.32 10.58
C THR A 122 -26.33 -37.88 11.75
N GLY A 123 -25.28 -37.17 12.13
CA GLY A 123 -24.45 -37.56 13.25
C GLY A 123 -23.03 -37.06 13.05
N THR A 124 -22.14 -37.59 13.87
CA THR A 124 -20.72 -37.25 13.84
C THR A 124 -19.93 -38.44 13.30
N GLY A 125 -18.94 -38.15 12.46
CA GLY A 125 -18.10 -39.18 11.89
C GLY A 125 -16.66 -38.74 11.70
N THR A 126 -15.85 -39.57 11.05
CA THR A 126 -14.45 -39.27 10.80
C THR A 126 -14.14 -39.57 9.34
N LEU A 127 -13.84 -38.53 8.57
CA LEU A 127 -13.47 -38.68 7.18
C LEU A 127 -11.95 -38.87 7.09
N LYS A 128 -11.52 -40.03 6.64
CA LYS A 128 -10.11 -40.38 6.55
C LYS A 128 -9.70 -40.36 5.08
N ILE A 129 -8.77 -39.46 4.74
CA ILE A 129 -8.34 -39.24 3.36
C ILE A 129 -6.83 -39.14 3.33
N ASP A 130 -6.19 -40.10 2.67
CA ASP A 130 -4.78 -40.00 2.31
C ASP A 130 -4.66 -39.60 0.84
N PHE A 131 -3.64 -38.82 0.53
CA PHE A 131 -3.53 -38.20 -0.79
C PHE A 131 -2.06 -37.87 -1.05
N VAL A 132 -1.82 -37.29 -2.22
CA VAL A 132 -0.49 -36.85 -2.62
C VAL A 132 -0.62 -35.51 -3.33
N GLY A 133 0.40 -34.67 -3.19
CA GLY A 133 0.38 -33.34 -3.78
C GLY A 133 1.68 -32.96 -4.44
N GLU A 134 1.81 -31.69 -4.81
CA GLU A 134 2.99 -31.19 -5.48
C GLU A 134 3.43 -29.87 -4.84
N LEU A 135 4.73 -29.73 -4.57
CA LEU A 135 5.30 -28.47 -4.13
C LEU A 135 5.58 -27.62 -5.36
N ASN A 136 4.53 -26.96 -5.84
CA ASN A 136 4.57 -26.26 -7.12
C ASN A 136 5.53 -25.08 -7.09
N ASP A 137 5.71 -24.46 -8.25
CA ASP A 137 6.53 -23.27 -8.41
C ASP A 137 5.69 -22.01 -8.61
N LYS A 138 4.40 -22.07 -8.30
CA LYS A 138 3.49 -20.95 -8.48
C LYS A 138 3.38 -20.05 -7.25
N MET A 139 4.21 -20.29 -6.24
CA MET A 139 4.23 -19.47 -5.01
C MET A 139 2.88 -19.45 -4.32
N LYS A 140 2.11 -20.54 -4.44
CA LYS A 140 0.77 -20.61 -3.86
C LYS A 140 0.55 -22.01 -3.28
N GLY A 141 -0.29 -22.07 -2.25
CA GLY A 141 -0.56 -23.35 -1.60
C GLY A 141 0.66 -23.82 -0.84
N PHE A 142 1.00 -25.10 -1.02
CA PHE A 142 2.21 -25.69 -0.44
C PHE A 142 3.23 -25.81 -1.57
N TYR A 143 4.12 -24.83 -1.67
CA TYR A 143 5.03 -24.70 -2.79
C TYR A 143 6.48 -24.75 -2.30
N ARG A 144 7.41 -24.73 -3.26
CA ARG A 144 8.84 -24.75 -2.98
C ARG A 144 9.40 -23.33 -3.03
N SER A 145 10.27 -23.00 -2.09
CA SER A 145 10.89 -21.69 -1.98
C SER A 145 12.40 -21.84 -2.11
N LYS A 146 12.95 -21.35 -3.22
CA LYS A 146 14.37 -21.48 -3.47
C LYS A 146 15.16 -20.53 -2.58
N TYR A 147 16.09 -21.10 -1.81
CA TYR A 147 16.99 -20.32 -0.97
C TYR A 147 18.40 -20.86 -1.13
N THR A 148 19.38 -20.02 -0.81
CA THR A 148 20.79 -20.37 -0.93
C THR A 148 21.43 -20.35 0.45
N THR A 149 22.16 -21.43 0.77
CA THR A 149 22.90 -21.56 2.02
C THR A 149 23.97 -20.47 2.10
N PRO A 150 24.56 -20.22 3.27
CA PRO A 150 25.66 -19.25 3.37
C PRO A 150 26.85 -19.57 2.47
N SER A 151 26.87 -20.72 1.82
CA SER A 151 27.89 -21.09 0.86
C SER A 151 27.38 -21.17 -0.57
N GLY A 152 26.19 -21.74 -0.78
CA GLY A 152 25.62 -21.86 -2.11
C GLY A 152 24.73 -23.07 -2.24
N GLU A 153 25.08 -23.97 -3.16
CA GLU A 153 24.39 -25.24 -3.39
C GLU A 153 22.96 -25.06 -3.92
N VAL A 154 22.25 -24.03 -3.45
CA VAL A 154 20.88 -23.73 -3.86
C VAL A 154 19.96 -24.86 -3.42
N ARG A 155 19.28 -24.67 -2.30
CA ARG A 155 18.32 -25.63 -1.76
C ARG A 155 16.90 -25.09 -1.92
N TYR A 156 15.94 -25.90 -1.52
CA TYR A 156 14.53 -25.54 -1.57
C TYR A 156 13.89 -25.80 -0.21
N ALA A 157 12.89 -24.97 0.12
CA ALA A 157 12.16 -25.09 1.36
C ALA A 157 10.68 -25.28 1.09
N ALA A 158 9.98 -25.85 2.06
CA ALA A 158 8.54 -26.11 1.96
C ALA A 158 7.79 -24.99 2.69
N VAL A 159 7.35 -24.00 1.93
CA VAL A 159 6.68 -22.82 2.47
C VAL A 159 5.22 -22.85 2.05
N THR A 160 4.36 -22.32 2.91
CA THR A 160 2.91 -22.34 2.70
C THR A 160 2.40 -20.94 2.38
N GLN A 161 1.24 -20.91 1.72
CA GLN A 161 0.53 -19.67 1.42
C GLN A 161 -0.87 -20.00 0.90
N PHE A 162 -1.89 -19.78 1.73
CA PHE A 162 -3.24 -20.25 1.43
C PHE A 162 -4.19 -19.15 1.00
N GLU A 163 -4.05 -17.94 1.54
CA GLU A 163 -4.90 -16.83 1.12
C GLU A 163 -4.71 -16.56 -0.37
N ALA A 164 -5.81 -16.55 -1.10
CA ALA A 164 -7.18 -16.63 -0.59
C ALA A 164 -7.70 -18.06 -0.51
N THR A 165 -7.64 -18.77 -1.64
CA THR A 165 -8.24 -20.10 -1.78
C THR A 165 -7.20 -21.10 -2.27
N ASP A 166 -6.07 -21.15 -1.56
CA ASP A 166 -4.98 -22.06 -1.92
C ASP A 166 -4.72 -23.12 -0.85
N ALA A 167 -5.53 -23.14 0.23
CA ALA A 167 -5.44 -24.24 1.17
C ALA A 167 -5.88 -25.56 0.54
N ARG A 168 -6.75 -25.49 -0.46
CA ARG A 168 -7.19 -26.67 -1.19
C ARG A 168 -6.08 -27.31 -2.01
N ARG A 169 -4.93 -26.64 -2.14
CA ARG A 169 -3.80 -27.21 -2.86
C ARG A 169 -2.80 -27.90 -1.93
N ALA A 170 -2.91 -27.70 -0.62
CA ALA A 170 -2.11 -28.45 0.34
C ALA A 170 -2.83 -29.66 0.90
N PHE A 171 -4.16 -29.60 1.01
CA PHE A 171 -5.00 -30.69 1.49
C PHE A 171 -6.46 -30.41 1.16
N PRO A 172 -7.26 -31.41 0.83
CA PRO A 172 -8.69 -31.17 0.57
C PRO A 172 -9.39 -30.73 1.85
N CYS A 173 -10.21 -29.68 1.72
CA CYS A 173 -10.85 -29.08 2.88
C CYS A 173 -12.00 -28.19 2.40
N TRP A 174 -12.82 -27.77 3.36
CA TRP A 174 -13.86 -26.76 3.12
C TRP A 174 -13.19 -25.39 3.15
N ASP A 175 -12.67 -24.98 1.98
CA ASP A 175 -11.81 -23.80 1.88
C ASP A 175 -12.66 -22.54 1.72
N GLU A 176 -13.31 -22.16 2.81
CA GLU A 176 -14.10 -20.93 2.89
C GLU A 176 -13.90 -20.32 4.27
N PRO A 177 -13.79 -18.99 4.35
CA PRO A 177 -13.49 -18.36 5.64
C PRO A 177 -14.55 -18.57 6.71
N ALA A 178 -15.82 -18.72 6.31
CA ALA A 178 -16.89 -18.91 7.29
C ALA A 178 -17.06 -20.35 7.73
N ILE A 179 -16.32 -21.28 7.13
CA ILE A 179 -16.39 -22.69 7.51
C ILE A 179 -15.19 -22.99 8.41
N LYS A 180 -15.28 -22.57 9.67
CA LYS A 180 -14.15 -22.68 10.58
C LYS A 180 -14.09 -24.04 11.24
N ALA A 181 -12.89 -24.40 11.71
CA ALA A 181 -12.64 -25.66 12.38
C ALA A 181 -11.27 -25.58 13.06
N THR A 182 -10.94 -26.62 13.81
CA THR A 182 -9.65 -26.75 14.46
C THR A 182 -8.73 -27.64 13.63
N PHE A 183 -7.42 -27.48 13.86
CA PHE A 183 -6.40 -28.13 13.04
C PHE A 183 -5.35 -28.80 13.92
N ASP A 184 -5.06 -30.07 13.65
CA ASP A 184 -3.97 -30.81 14.27
C ASP A 184 -2.92 -31.04 13.20
N ILE A 185 -1.86 -30.24 13.23
CA ILE A 185 -0.84 -30.25 12.19
C ILE A 185 0.33 -31.13 12.64
N SER A 186 0.77 -32.02 11.76
CA SER A 186 1.95 -32.84 11.99
C SER A 186 2.82 -32.80 10.74
N LEU A 187 4.14 -32.81 10.94
CA LEU A 187 5.08 -32.72 9.82
C LEU A 187 6.19 -33.73 10.04
N VAL A 188 6.53 -34.47 8.98
CA VAL A 188 7.62 -35.43 9.00
C VAL A 188 8.78 -34.78 8.23
N VAL A 189 9.71 -34.19 8.97
CA VAL A 189 10.80 -33.42 8.36
C VAL A 189 12.11 -34.09 8.74
N PRO A 190 13.19 -33.83 7.99
CA PRO A 190 14.50 -34.33 8.39
C PRO A 190 14.94 -33.73 9.71
N LYS A 191 15.95 -34.37 10.32
CA LYS A 191 16.44 -33.92 11.62
C LYS A 191 17.15 -32.57 11.50
N ASP A 192 17.74 -32.27 10.34
CA ASP A 192 18.51 -31.04 10.16
C ASP A 192 17.67 -29.93 9.53
N ARG A 193 16.38 -29.88 9.83
CA ARG A 193 15.50 -28.86 9.28
C ARG A 193 14.44 -28.50 10.30
N VAL A 194 14.12 -27.21 10.37
CA VAL A 194 13.16 -26.68 11.34
C VAL A 194 11.76 -26.80 10.76
N ALA A 195 10.80 -27.22 11.60
CA ALA A 195 9.41 -27.33 11.19
C ALA A 195 8.57 -26.47 12.13
N LEU A 196 7.99 -25.41 11.58
CA LEU A 196 7.12 -24.48 12.31
C LEU A 196 5.70 -24.59 11.80
N SER A 197 4.77 -24.11 12.61
CA SER A 197 3.35 -24.09 12.26
C SER A 197 2.66 -23.03 13.11
N ASN A 198 1.33 -23.07 13.13
CA ASN A 198 0.57 -22.06 13.86
C ASN A 198 0.79 -22.17 15.36
N MET A 199 0.80 -23.39 15.89
CA MET A 199 0.90 -23.61 17.33
C MET A 199 2.34 -23.98 17.69
N ASN A 200 2.56 -24.31 18.96
CA ASN A 200 3.85 -24.75 19.45
C ASN A 200 4.00 -26.26 19.28
N VAL A 201 5.25 -26.71 19.29
CA VAL A 201 5.55 -28.13 19.17
C VAL A 201 5.24 -28.82 20.50
N ILE A 202 4.49 -29.92 20.43
CA ILE A 202 4.15 -30.69 21.61
C ILE A 202 4.84 -32.05 21.64
N ASP A 203 5.31 -32.56 20.51
CA ASP A 203 5.98 -33.85 20.47
C ASP A 203 6.93 -33.86 19.28
N ARG A 204 8.02 -34.63 19.41
CA ARG A 204 9.04 -34.71 18.39
C ARG A 204 9.59 -36.14 18.40
N LYS A 205 8.71 -37.11 18.00
CA LYS A 205 9.07 -38.52 17.97
C LYS A 205 9.70 -38.89 16.63
N PRO A 206 10.61 -39.87 16.63
CA PRO A 206 11.26 -40.25 15.37
C PRO A 206 10.31 -40.98 14.43
N TYR A 207 10.72 -41.05 13.16
CA TYR A 207 9.96 -41.69 12.10
C TYR A 207 10.42 -43.14 11.94
N PRO A 208 9.51 -44.11 11.95
CA PRO A 208 9.95 -45.52 11.92
C PRO A 208 10.49 -45.97 10.58
N ASP A 209 9.83 -45.58 9.48
CA ASP A 209 10.26 -46.07 8.17
C ASP A 209 11.54 -45.40 7.69
N ASP A 210 11.83 -44.19 8.17
CA ASP A 210 13.02 -43.45 7.76
C ASP A 210 13.70 -42.92 9.02
N GLU A 211 14.91 -43.43 9.31
CA GLU A 211 15.65 -42.96 10.47
C GLU A 211 16.07 -41.50 10.31
N ASN A 212 16.23 -41.02 9.09
CA ASN A 212 16.65 -39.66 8.83
C ASN A 212 15.55 -38.63 9.01
N LEU A 213 14.32 -39.08 9.28
CA LEU A 213 13.17 -38.19 9.42
C LEU A 213 12.64 -38.25 10.84
N VAL A 214 11.95 -37.18 11.23
CA VAL A 214 11.35 -37.06 12.56
C VAL A 214 9.99 -36.41 12.41
N GLU A 215 8.96 -37.02 12.99
CA GLU A 215 7.61 -36.48 12.92
C GLU A 215 7.43 -35.44 14.02
N VAL A 216 7.10 -34.22 13.62
CA VAL A 216 6.89 -33.09 14.54
C VAL A 216 5.40 -32.82 14.60
N LYS A 217 4.81 -32.96 15.78
CA LYS A 217 3.40 -32.73 16.00
C LYS A 217 3.20 -31.42 16.74
N PHE A 218 2.25 -30.61 16.27
CA PHE A 218 1.94 -29.33 16.88
C PHE A 218 0.65 -29.41 17.68
N ALA A 219 0.45 -28.43 18.55
CA ALA A 219 -0.76 -28.38 19.36
C ALA A 219 -1.98 -28.09 18.50
N ARG A 220 -3.16 -28.28 19.08
CA ARG A 220 -4.41 -28.06 18.38
C ARG A 220 -4.70 -26.56 18.31
N THR A 221 -4.94 -26.07 17.10
CA THR A 221 -5.28 -24.67 16.92
C THR A 221 -6.69 -24.39 17.46
N PRO A 222 -7.01 -23.13 17.75
CA PRO A 222 -8.40 -22.77 18.04
C PRO A 222 -9.27 -22.79 16.80
N VAL A 223 -10.56 -22.47 16.95
CA VAL A 223 -11.45 -22.42 15.81
C VAL A 223 -11.01 -21.30 14.88
N MET A 224 -10.62 -21.65 13.66
CA MET A 224 -10.01 -20.71 12.74
C MET A 224 -10.40 -21.06 11.31
N SER A 225 -10.03 -20.19 10.39
CA SER A 225 -10.32 -20.38 8.97
C SER A 225 -9.16 -21.10 8.29
N THR A 226 -9.48 -21.78 7.19
CA THR A 226 -8.48 -22.59 6.50
C THR A 226 -7.38 -21.73 5.87
N TYR A 227 -7.72 -20.53 5.40
CA TYR A 227 -6.75 -19.68 4.72
C TYR A 227 -5.72 -19.07 5.67
N LEU A 228 -5.84 -19.31 6.98
CA LEU A 228 -4.87 -18.81 7.96
C LEU A 228 -3.97 -19.90 8.52
N VAL A 229 -4.20 -21.16 8.14
CA VAL A 229 -3.31 -22.25 8.53
C VAL A 229 -1.96 -22.08 7.85
N ALA A 230 -0.89 -22.48 8.56
CA ALA A 230 0.45 -22.32 8.02
C ALA A 230 1.37 -23.39 8.58
N PHE A 231 2.36 -23.77 7.77
CA PHE A 231 3.44 -24.64 8.20
C PHE A 231 4.59 -24.48 7.21
N VAL A 232 5.81 -24.34 7.73
CA VAL A 232 7.00 -24.10 6.93
C VAL A 232 8.09 -25.09 7.33
N VAL A 233 8.81 -25.60 6.33
CA VAL A 233 9.91 -26.54 6.56
C VAL A 233 11.14 -25.98 5.87
N GLY A 234 12.20 -25.76 6.65
CA GLY A 234 13.43 -25.25 6.08
C GLY A 234 14.49 -25.08 7.15
N GLU A 235 15.56 -24.37 6.78
CA GLU A 235 16.69 -24.12 7.67
C GLU A 235 16.67 -22.64 8.07
N TYR A 236 16.49 -22.38 9.36
CA TYR A 236 16.36 -21.02 9.86
C TYR A 236 16.99 -20.88 11.23
N ASP A 237 17.63 -19.74 11.46
CA ASP A 237 18.06 -19.31 12.79
C ASP A 237 17.04 -18.34 13.36
N PHE A 238 17.12 -18.11 14.67
CA PHE A 238 16.09 -17.34 15.34
C PHE A 238 16.69 -16.53 16.48
N VAL A 239 15.98 -15.46 16.84
CA VAL A 239 16.21 -14.71 18.06
C VAL A 239 14.89 -14.63 18.80
N GLU A 240 14.93 -14.74 20.12
CA GLU A 240 13.71 -14.85 20.91
C GLU A 240 13.68 -13.80 22.02
N THR A 241 12.47 -13.47 22.44
CA THR A 241 12.24 -12.59 23.59
C THR A 241 10.84 -12.87 24.12
N ARG A 242 10.54 -12.26 25.27
CA ARG A 242 9.23 -12.41 25.91
C ARG A 242 8.57 -11.05 26.06
N SER A 243 7.34 -10.94 25.58
CA SER A 243 6.58 -9.72 25.74
C SER A 243 6.06 -9.59 27.17
N LYS A 244 5.51 -8.41 27.48
CA LYS A 244 5.03 -8.16 28.84
C LYS A 244 3.86 -9.06 29.20
N ASP A 245 3.08 -9.49 28.19
CA ASP A 245 1.99 -10.42 28.44
C ASP A 245 2.47 -11.84 28.75
N GLY A 246 3.75 -12.13 28.53
CA GLY A 246 4.28 -13.46 28.72
C GLY A 246 4.34 -14.30 27.45
N VAL A 247 4.01 -13.73 26.31
CA VAL A 247 3.98 -14.48 25.05
C VAL A 247 5.40 -14.62 24.53
N CYS A 248 5.75 -15.83 24.09
CA CYS A 248 7.07 -16.08 23.54
C CYS A 248 7.12 -15.57 22.11
N VAL A 249 8.01 -14.62 21.84
CA VAL A 249 8.16 -13.99 20.53
C VAL A 249 9.47 -14.44 19.92
N ARG A 250 9.43 -14.80 18.63
CA ARG A 250 10.63 -15.21 17.92
C ARG A 250 10.61 -14.63 16.51
N VAL A 251 11.81 -14.33 16.01
CA VAL A 251 12.00 -13.84 14.65
C VAL A 251 12.96 -14.80 13.96
N TYR A 252 12.43 -15.60 13.04
CA TYR A 252 13.23 -16.57 12.31
C TYR A 252 13.82 -15.92 11.06
N THR A 253 15.13 -16.10 10.89
CA THR A 253 15.89 -15.48 9.81
C THR A 253 16.62 -16.56 9.00
N PRO A 254 17.09 -16.23 7.80
CA PRO A 254 17.96 -17.16 7.08
C PRO A 254 19.21 -17.51 7.88
N VAL A 255 19.83 -18.63 7.50
CA VAL A 255 20.97 -19.19 8.23
C VAL A 255 22.12 -18.18 8.22
N GLY A 256 22.42 -17.61 9.39
CA GLY A 256 23.51 -16.68 9.53
C GLY A 256 23.11 -15.22 9.59
N LYS A 257 21.82 -14.92 9.78
CA LYS A 257 21.34 -13.55 9.82
C LYS A 257 20.41 -13.31 11.01
N ALA A 258 20.67 -14.02 12.12
CA ALA A 258 19.80 -13.88 13.29
C ALA A 258 19.88 -12.47 13.88
N GLU A 259 21.05 -11.83 13.80
CA GLU A 259 21.19 -10.48 14.33
C GLU A 259 20.37 -9.45 13.55
N GLN A 260 20.05 -9.74 12.29
CA GLN A 260 19.28 -8.80 11.48
C GLN A 260 17.81 -8.75 11.92
N GLY A 261 17.32 -9.80 12.57
CA GLY A 261 15.93 -9.82 13.01
C GLY A 261 15.77 -9.30 14.43
N LYS A 262 16.78 -8.60 14.92
CA LYS A 262 16.72 -8.07 16.28
C LYS A 262 15.71 -6.94 16.39
N PHE A 263 15.70 -6.03 15.40
CA PHE A 263 14.79 -4.90 15.45
C PHE A 263 13.34 -5.34 15.30
N ALA A 264 13.08 -6.25 14.36
CA ALA A 264 11.73 -6.78 14.21
C ALA A 264 11.26 -7.51 15.46
N LEU A 265 12.21 -8.04 16.25
CA LEU A 265 11.85 -8.74 17.48
C LEU A 265 11.35 -7.77 18.54
N GLU A 266 12.08 -6.68 18.77
CA GLU A 266 11.67 -5.73 19.79
C GLU A 266 10.40 -4.98 19.39
N VAL A 267 10.17 -4.82 18.08
CA VAL A 267 8.94 -4.17 17.64
C VAL A 267 7.74 -5.09 17.86
N ALA A 268 7.88 -6.37 17.53
CA ALA A 268 6.80 -7.31 17.79
C ALA A 268 6.56 -7.49 19.28
N ALA A 269 7.62 -7.40 20.09
CA ALA A 269 7.47 -7.54 21.54
C ALA A 269 6.70 -6.39 22.14
N LYS A 270 6.76 -5.20 21.53
CA LYS A 270 5.98 -4.06 21.98
C LYS A 270 4.62 -3.96 21.30
N THR A 271 4.45 -4.60 20.14
CA THR A 271 3.20 -4.49 19.40
C THR A 271 2.08 -5.26 20.08
N LEU A 272 2.38 -6.46 20.58
CA LEU A 272 1.36 -7.27 21.25
C LEU A 272 0.75 -6.59 22.47
N PRO A 273 1.52 -6.01 23.40
CA PRO A 273 0.87 -5.31 24.52
C PRO A 273 0.04 -4.11 24.09
N PHE A 274 0.37 -3.48 22.97
CA PHE A 274 -0.42 -2.35 22.48
C PHE A 274 -1.81 -2.80 22.06
N TYR A 275 -1.89 -3.81 21.19
CA TYR A 275 -3.19 -4.32 20.76
C TYR A 275 -3.92 -5.01 21.91
N LYS A 276 -3.18 -5.54 22.89
CA LYS A 276 -3.82 -6.10 24.07
C LYS A 276 -4.53 -5.02 24.86
N ASP A 277 -3.87 -3.88 25.09
CA ASP A 277 -4.49 -2.79 25.84
C ASP A 277 -5.59 -2.12 25.04
N TYR A 278 -5.41 -2.01 23.71
CA TYR A 278 -6.39 -1.30 22.89
C TYR A 278 -7.68 -2.12 22.74
N PHE A 279 -7.55 -3.41 22.46
CA PHE A 279 -8.70 -4.28 22.30
C PHE A 279 -9.22 -4.82 23.62
N ASN A 280 -8.44 -4.70 24.70
CA ASN A 280 -8.76 -5.31 26.00
C ASN A 280 -8.97 -6.82 25.86
N VAL A 281 -8.23 -7.43 24.93
CA VAL A 281 -8.29 -8.87 24.68
C VAL A 281 -6.86 -9.38 24.54
N PRO A 282 -6.45 -10.37 25.32
CA PRO A 282 -5.07 -10.85 25.24
C PRO A 282 -4.82 -11.58 23.92
N TYR A 283 -3.54 -11.82 23.65
CA TYR A 283 -3.15 -12.52 22.43
C TYR A 283 -3.69 -13.94 22.47
N PRO A 284 -4.44 -14.38 21.46
CA PRO A 284 -5.16 -15.66 21.57
C PRO A 284 -4.28 -16.91 21.49
N LEU A 285 -3.02 -16.79 21.14
CA LEU A 285 -2.16 -17.95 20.94
C LEU A 285 -1.04 -17.97 21.98
N PRO A 286 -0.40 -19.14 22.20
CA PRO A 286 0.69 -19.19 23.18
C PRO A 286 2.00 -18.60 22.69
N LYS A 287 2.18 -18.42 21.39
CA LYS A 287 3.44 -17.92 20.87
C LYS A 287 3.19 -17.24 19.53
N ILE A 288 4.08 -16.31 19.18
CA ILE A 288 4.04 -15.62 17.89
C ILE A 288 5.39 -15.77 17.23
N ASP A 289 5.39 -16.13 15.95
CA ASP A 289 6.62 -16.30 15.18
C ASP A 289 6.56 -15.44 13.93
N LEU A 290 7.68 -14.79 13.61
CA LEU A 290 7.83 -13.98 12.41
C LEU A 290 9.05 -14.52 11.66
N ILE A 291 8.82 -15.12 10.50
CA ILE A 291 9.87 -15.77 9.73
C ILE A 291 10.13 -14.99 8.45
N ALA A 292 11.39 -14.67 8.20
CA ALA A 292 11.81 -13.99 6.98
C ALA A 292 12.19 -15.02 5.92
N ILE A 293 11.57 -14.92 4.75
CA ILE A 293 11.74 -15.91 3.69
C ILE A 293 12.39 -15.23 2.49
N ALA A 294 13.35 -15.91 1.88
CA ALA A 294 14.04 -15.37 0.71
C ALA A 294 13.11 -15.36 -0.49
N ASP A 295 12.88 -14.17 -1.05
CA ASP A 295 12.05 -13.99 -2.25
C ASP A 295 10.64 -14.51 -2.03
N PHE A 296 10.03 -14.10 -0.92
CA PHE A 296 8.63 -14.45 -0.65
C PHE A 296 7.73 -13.61 -1.55
N ALA A 297 7.06 -14.28 -2.49
CA ALA A 297 6.35 -13.54 -3.54
C ALA A 297 5.18 -12.75 -2.95
N ALA A 298 4.47 -13.32 -1.98
CA ALA A 298 3.30 -12.66 -1.43
C ALA A 298 3.65 -11.45 -0.57
N GLY A 299 4.92 -11.25 -0.25
CA GLY A 299 5.31 -10.12 0.58
C GLY A 299 5.16 -10.34 2.08
N ALA A 300 3.93 -10.50 2.55
CA ALA A 300 3.67 -10.74 3.96
C ALA A 300 2.29 -11.35 4.13
N MET A 301 2.18 -12.36 4.99
CA MET A 301 0.92 -13.04 5.25
C MET A 301 0.69 -13.16 6.75
N GLU A 302 -0.51 -12.78 7.19
CA GLU A 302 -0.86 -12.73 8.61
C GLU A 302 -1.29 -14.08 9.19
N ASN A 303 -0.56 -15.14 8.86
CA ASN A 303 -0.89 -16.47 9.38
C ASN A 303 -0.89 -16.47 10.90
N TRP A 304 -1.95 -17.04 11.48
CA TRP A 304 -2.16 -16.99 12.92
C TRP A 304 -1.04 -17.69 13.67
N GLY A 305 -0.13 -16.92 14.27
CA GLY A 305 0.97 -17.46 15.04
C GLY A 305 2.26 -17.68 14.26
N LEU A 306 2.22 -17.60 12.93
CA LEU A 306 3.40 -17.82 12.09
C LEU A 306 3.34 -16.82 10.92
N VAL A 307 3.59 -15.56 11.22
CA VAL A 307 3.54 -14.50 10.21
C VAL A 307 4.78 -14.60 9.34
N THR A 308 4.57 -14.69 8.03
CA THR A 308 5.65 -14.81 7.06
C THR A 308 5.92 -13.49 6.38
N TYR A 309 7.20 -13.18 6.18
CA TYR A 309 7.63 -11.98 5.47
C TYR A 309 8.67 -12.34 4.42
N ARG A 310 9.01 -11.37 3.59
CA ARG A 310 10.21 -11.43 2.77
C ARG A 310 11.35 -10.76 3.51
N GLU A 311 12.54 -11.36 3.43
CA GLU A 311 13.66 -10.87 4.23
C GLU A 311 14.01 -9.42 3.91
N THR A 312 13.73 -8.97 2.69
CA THR A 312 13.98 -7.57 2.32
C THR A 312 13.00 -6.61 2.97
N ALA A 313 11.96 -7.10 3.65
CA ALA A 313 10.99 -6.26 4.31
C ALA A 313 10.94 -6.42 5.82
N LEU A 314 11.55 -7.47 6.37
CA LEU A 314 11.55 -7.74 7.79
C LEU A 314 12.90 -7.52 8.46
N LEU A 315 13.98 -7.97 7.84
CA LEU A 315 15.31 -7.84 8.42
C LEU A 315 15.96 -6.54 7.97
N ILE A 316 16.90 -6.06 8.76
CA ILE A 316 17.61 -4.81 8.51
C ILE A 316 19.09 -5.15 8.35
N ASP A 317 19.57 -5.15 7.10
CA ASP A 317 20.97 -5.40 6.81
C ASP A 317 21.76 -4.11 7.01
N PRO A 318 22.66 -4.06 8.00
CA PRO A 318 23.35 -2.79 8.31
C PRO A 318 24.19 -2.25 7.16
N LYS A 319 24.55 -3.08 6.17
CA LYS A 319 25.34 -2.65 5.03
C LYS A 319 24.54 -2.67 3.72
N ASN A 320 23.21 -2.62 3.81
CA ASN A 320 22.38 -2.67 2.60
C ASN A 320 21.06 -1.95 2.81
N SER A 321 20.62 -1.85 4.06
CA SER A 321 19.35 -1.18 4.36
C SER A 321 19.50 0.33 4.18
N CYS A 322 18.39 1.04 4.35
CA CYS A 322 18.34 2.48 4.18
C CYS A 322 18.20 3.15 5.55
N SER A 323 17.69 4.39 5.55
CA SER A 323 17.52 5.14 6.79
C SER A 323 16.13 4.93 7.38
N SER A 324 15.09 5.03 6.55
CA SER A 324 13.73 4.80 7.00
C SER A 324 13.35 3.33 6.98
N SER A 325 14.33 2.44 6.85
CA SER A 325 14.04 1.01 6.86
C SER A 325 13.50 0.57 8.21
N ARG A 326 14.02 1.15 9.29
CA ARG A 326 13.50 0.87 10.62
C ARG A 326 12.06 1.35 10.77
N GLN A 327 11.68 2.37 10.00
CA GLN A 327 10.29 2.82 10.01
C GLN A 327 9.40 1.87 9.22
N TRP A 328 9.88 1.37 8.09
CA TRP A 328 9.10 0.43 7.29
C TRP A 328 8.88 -0.89 8.02
N VAL A 329 9.86 -1.33 8.81
CA VAL A 329 9.71 -2.58 9.55
C VAL A 329 8.65 -2.43 10.64
N ALA A 330 8.62 -1.29 11.31
CA ALA A 330 7.63 -1.06 12.36
C ALA A 330 6.21 -1.08 11.81
N LEU A 331 6.03 -0.63 10.56
CA LEU A 331 4.69 -0.60 9.97
C LEU A 331 4.23 -2.00 9.58
N VAL A 332 5.11 -2.77 8.93
CA VAL A 332 4.71 -4.09 8.44
C VAL A 332 4.52 -5.06 9.60
N VAL A 333 5.22 -4.85 10.73
CA VAL A 333 5.00 -5.70 11.89
C VAL A 333 3.69 -5.35 12.58
N GLY A 334 3.41 -4.05 12.74
CA GLY A 334 2.17 -3.64 13.37
C GLY A 334 0.93 -3.97 12.55
N HIS A 335 1.08 -4.09 11.23
CA HIS A 335 -0.05 -4.41 10.36
C HIS A 335 -0.46 -5.87 10.54
N GLU A 336 0.47 -6.79 10.33
CA GLU A 336 0.13 -8.21 10.38
C GLU A 336 -0.22 -8.67 11.78
N LEU A 337 0.43 -8.10 12.80
CA LEU A 337 0.09 -8.44 14.17
C LEU A 337 -1.29 -7.92 14.58
N ALA A 338 -1.78 -6.88 13.91
CA ALA A 338 -3.14 -6.42 14.14
C ALA A 338 -4.16 -7.44 13.65
N HIS A 339 -3.83 -8.19 12.60
CA HIS A 339 -4.73 -9.22 12.09
C HIS A 339 -4.92 -10.37 13.08
N GLN A 340 -3.97 -10.57 14.01
CA GLN A 340 -4.12 -11.63 15.01
C GLN A 340 -5.38 -11.46 15.84
N TRP A 341 -5.90 -10.25 15.96
CA TRP A 341 -7.20 -10.01 16.56
C TRP A 341 -8.25 -9.80 15.48
N PHE A 342 -8.13 -8.69 14.75
CA PHE A 342 -9.10 -8.31 13.72
C PHE A 342 -8.71 -8.99 12.42
N GLY A 343 -9.34 -10.12 12.12
CA GLY A 343 -9.05 -10.87 10.92
C GLY A 343 -8.87 -12.36 11.17
N ASN A 344 -8.16 -12.71 12.24
CA ASN A 344 -7.93 -14.10 12.62
C ASN A 344 -8.82 -14.56 13.78
N LEU A 345 -8.95 -13.75 14.83
CA LEU A 345 -9.87 -14.09 15.90
C LEU A 345 -11.32 -13.88 15.46
N VAL A 346 -11.57 -12.80 14.74
CA VAL A 346 -12.86 -12.56 14.10
C VAL A 346 -12.59 -12.43 12.60
N THR A 347 -13.15 -13.33 11.81
CA THR A 347 -12.87 -13.41 10.39
C THR A 347 -14.08 -12.93 9.60
N MET A 348 -13.82 -12.35 8.43
CA MET A 348 -14.87 -11.93 7.52
C MET A 348 -15.78 -13.11 7.16
N GLU A 349 -17.06 -12.80 6.98
CA GLU A 349 -18.01 -13.83 6.55
C GLU A 349 -17.73 -14.27 5.13
N TRP A 350 -17.38 -13.34 4.26
CA TRP A 350 -17.05 -13.65 2.87
C TRP A 350 -16.04 -12.64 2.37
N TRP A 351 -15.48 -12.93 1.19
CA TRP A 351 -14.47 -12.06 0.60
C TRP A 351 -15.01 -10.68 0.23
N THR A 352 -16.33 -10.49 0.26
CA THR A 352 -16.89 -9.16 0.07
C THR A 352 -16.39 -8.17 1.12
N HIS A 353 -16.13 -8.66 2.34
CA HIS A 353 -15.70 -7.83 3.44
C HIS A 353 -14.18 -7.79 3.59
N LEU A 354 -13.43 -8.17 2.55
CA LEU A 354 -11.98 -8.17 2.63
C LEU A 354 -11.42 -6.75 2.74
N TRP A 355 -12.10 -5.77 2.13
CA TRP A 355 -11.65 -4.39 2.25
C TRP A 355 -11.62 -3.93 3.70
N LEU A 356 -12.61 -4.35 4.48
CA LEU A 356 -12.68 -3.95 5.88
C LEU A 356 -11.59 -4.61 6.70
N ASN A 357 -11.27 -5.87 6.39
CA ASN A 357 -10.19 -6.56 7.10
C ASN A 357 -8.86 -5.88 6.84
N GLU A 358 -8.58 -5.56 5.57
CA GLU A 358 -7.31 -4.93 5.22
C GLU A 358 -7.32 -3.43 5.49
N GLY A 359 -8.48 -2.78 5.35
CA GLY A 359 -8.56 -1.35 5.65
C GLY A 359 -8.35 -1.04 7.11
N PHE A 360 -8.92 -1.85 8.00
CA PHE A 360 -8.72 -1.63 9.43
C PHE A 360 -7.26 -1.79 9.81
N ALA A 361 -6.64 -2.89 9.36
CA ALA A 361 -5.24 -3.12 9.67
C ALA A 361 -4.34 -2.05 9.05
N SER A 362 -4.70 -1.56 7.86
CA SER A 362 -3.90 -0.50 7.24
C SER A 362 -4.00 0.81 8.00
N TRP A 363 -5.03 0.99 8.83
CA TRP A 363 -5.17 2.20 9.63
C TRP A 363 -4.53 2.04 11.01
N ILE A 364 -4.83 0.94 11.71
CA ILE A 364 -4.35 0.78 13.08
C ILE A 364 -2.85 0.51 13.12
N GLU A 365 -2.25 0.12 12.00
CA GLU A 365 -0.79 -0.04 11.98
C GLU A 365 -0.10 1.29 12.20
N TYR A 366 -0.65 2.38 11.66
CA TYR A 366 -0.12 3.70 11.90
C TYR A 366 -0.39 4.15 13.33
N LEU A 367 -1.53 3.75 13.90
CA LEU A 367 -1.84 4.08 15.28
C LEU A 367 -0.86 3.39 16.24
N CYS A 368 -0.42 2.17 15.89
CA CYS A 368 0.53 1.46 16.74
C CYS A 368 1.93 2.05 16.66
N VAL A 369 2.38 2.39 15.45
CA VAL A 369 3.71 2.94 15.28
C VAL A 369 3.80 4.35 15.86
N ASP A 370 2.72 5.14 15.72
CA ASP A 370 2.71 6.48 16.28
C ASP A 370 2.79 6.46 17.80
N HIS A 371 2.23 5.43 18.43
CA HIS A 371 2.28 5.34 19.90
C HIS A 371 3.66 4.92 20.38
N CYS A 372 4.27 3.93 19.73
CA CYS A 372 5.59 3.47 20.14
C CYS A 372 6.72 4.35 19.59
N PHE A 373 6.47 5.10 18.53
CA PHE A 373 7.48 5.96 17.92
C PHE A 373 6.84 7.27 17.49
N PRO A 374 6.61 8.18 18.44
CA PRO A 374 6.01 9.48 18.08
C PRO A 374 6.96 10.40 17.31
N GLU A 375 8.26 10.13 17.31
CA GLU A 375 9.19 10.98 16.57
C GLU A 375 9.08 10.82 15.06
N TYR A 376 8.27 9.86 14.58
CA TYR A 376 8.08 9.72 13.15
C TYR A 376 7.03 10.67 12.61
N ASP A 377 6.06 11.08 13.43
CA ASP A 377 4.86 11.77 12.98
C ASP A 377 4.23 11.03 11.80
N ILE A 378 3.92 9.76 12.06
CA ILE A 378 3.58 8.82 10.99
C ILE A 378 2.26 9.19 10.32
N TRP A 379 1.40 9.97 10.97
CA TRP A 379 0.12 10.29 10.37
C TRP A 379 0.28 11.26 9.20
N THR A 380 1.34 12.06 9.21
CA THR A 380 1.62 12.92 8.06
C THR A 380 1.99 12.08 6.84
N GLN A 381 2.70 10.97 7.04
CA GLN A 381 3.04 10.09 5.93
C GLN A 381 1.85 9.25 5.48
N PHE A 382 0.94 8.92 6.40
CA PHE A 382 -0.28 8.22 6.00
C PHE A 382 -1.12 9.06 5.07
N VAL A 383 -1.29 10.35 5.38
CA VAL A 383 -2.05 11.25 4.51
C VAL A 383 -1.35 11.37 3.17
N SER A 384 -0.01 11.39 3.17
CA SER A 384 0.74 11.47 1.93
C SER A 384 0.68 10.17 1.13
N ALA A 385 0.38 9.05 1.77
CA ALA A 385 0.37 7.75 1.10
C ALA A 385 -1.03 7.33 0.71
N ASP A 386 -1.75 6.67 1.64
CA ASP A 386 -3.04 6.08 1.29
C ASP A 386 -4.09 7.14 1.02
N TYR A 387 -4.09 8.23 1.79
CA TYR A 387 -5.16 9.22 1.70
C TYR A 387 -5.17 9.93 0.35
N THR A 388 -4.04 10.56 -0.01
CA THR A 388 -3.99 11.33 -1.26
C THR A 388 -4.12 10.42 -2.48
N ARG A 389 -3.52 9.23 -2.44
CA ARG A 389 -3.64 8.32 -3.58
C ARG A 389 -5.08 7.86 -3.78
N ALA A 390 -5.84 7.70 -2.69
CA ALA A 390 -7.24 7.32 -2.83
C ALA A 390 -8.09 8.46 -3.38
N GLN A 391 -7.77 9.70 -3.02
CA GLN A 391 -8.54 10.83 -3.54
C GLN A 391 -8.27 11.05 -5.02
N GLU A 392 -7.09 10.68 -5.51
CA GLU A 392 -6.79 10.82 -6.92
C GLU A 392 -7.66 9.89 -7.76
N LEU A 393 -7.78 8.62 -7.35
CA LEU A 393 -8.54 7.66 -8.12
C LEU A 393 -10.04 7.88 -7.97
N ASP A 394 -10.49 8.29 -6.78
CA ASP A 394 -11.91 8.46 -6.52
C ASP A 394 -12.48 9.73 -7.14
N ALA A 395 -11.64 10.62 -7.68
CA ALA A 395 -12.09 11.83 -8.34
C ALA A 395 -12.11 11.72 -9.86
N LEU A 396 -11.68 10.59 -10.41
CA LEU A 396 -11.66 10.36 -11.84
C LEU A 396 -12.81 9.44 -12.25
N ASP A 397 -12.97 9.29 -13.57
CA ASP A 397 -14.01 8.43 -14.10
C ASP A 397 -13.68 6.96 -13.85
N ASN A 398 -14.67 6.10 -14.07
CA ASN A 398 -14.52 4.65 -13.97
C ASN A 398 -14.08 4.22 -12.56
N SER A 399 -14.54 4.95 -11.55
CA SER A 399 -14.32 4.56 -10.17
C SER A 399 -15.42 3.60 -9.71
N HIS A 400 -15.28 3.09 -8.49
CA HIS A 400 -16.24 2.14 -7.95
C HIS A 400 -16.29 2.28 -6.44
N PRO A 401 -17.42 1.94 -5.81
CA PRO A 401 -17.50 2.01 -4.35
C PRO A 401 -16.57 1.01 -3.69
N ILE A 402 -16.31 1.24 -2.40
CA ILE A 402 -15.38 0.39 -1.65
C ILE A 402 -15.90 -1.03 -1.59
N GLU A 403 -17.11 -1.20 -1.06
CA GLU A 403 -17.70 -2.53 -0.89
C GLU A 403 -18.44 -2.92 -2.15
N VAL A 404 -18.01 -4.03 -2.76
CA VAL A 404 -18.65 -4.59 -3.95
C VAL A 404 -18.92 -6.07 -3.67
N SER A 405 -20.14 -6.52 -4.00
CA SER A 405 -20.50 -7.91 -3.78
C SER A 405 -19.62 -8.83 -4.62
N VAL A 406 -18.98 -9.79 -3.96
CA VAL A 406 -18.06 -10.71 -4.60
C VAL A 406 -18.73 -12.06 -4.76
N GLY A 407 -19.02 -12.44 -6.00
CA GLY A 407 -19.53 -13.77 -6.27
C GLY A 407 -18.46 -14.83 -6.26
N HIS A 408 -17.84 -15.07 -7.42
CA HIS A 408 -16.74 -16.02 -7.48
C HIS A 408 -15.51 -15.44 -6.78
N PRO A 409 -14.74 -16.27 -6.06
CA PRO A 409 -13.54 -15.76 -5.38
C PRO A 409 -12.47 -15.23 -6.33
N SER A 410 -12.60 -15.43 -7.64
CA SER A 410 -11.69 -14.82 -8.58
C SER A 410 -12.03 -13.36 -8.85
N GLU A 411 -13.31 -12.99 -8.69
CA GLU A 411 -13.72 -11.61 -8.83
C GLU A 411 -13.02 -10.70 -7.83
N VAL A 412 -12.48 -11.25 -6.74
CA VAL A 412 -11.74 -10.44 -5.77
C VAL A 412 -10.62 -9.68 -6.46
N ASP A 413 -9.68 -10.41 -7.05
CA ASP A 413 -8.47 -9.86 -7.67
C ASP A 413 -8.77 -8.80 -8.74
N GLU A 414 -10.03 -8.69 -9.15
CA GLU A 414 -10.45 -7.76 -10.18
C GLU A 414 -10.98 -6.45 -9.62
N ILE A 415 -11.86 -6.51 -8.61
CA ILE A 415 -12.57 -5.33 -8.14
C ILE A 415 -11.98 -4.70 -6.89
N PHE A 416 -10.96 -5.31 -6.29
CA PHE A 416 -10.22 -4.68 -5.20
C PHE A 416 -8.90 -4.15 -5.74
N ASP A 417 -8.59 -2.89 -5.42
CA ASP A 417 -7.37 -2.25 -5.89
C ASP A 417 -6.92 -1.19 -4.89
N ALA A 418 -6.28 -0.13 -5.38
CA ALA A 418 -5.87 0.96 -4.51
C ALA A 418 -7.04 1.75 -3.95
N ILE A 419 -8.25 1.58 -4.49
CA ILE A 419 -9.41 2.29 -3.97
C ILE A 419 -9.97 1.62 -2.73
N SER A 420 -10.20 0.31 -2.79
CA SER A 420 -10.84 -0.39 -1.67
C SER A 420 -9.96 -0.41 -0.42
N TYR A 421 -8.63 -0.37 -0.59
CA TYR A 421 -7.73 -0.46 0.55
C TYR A 421 -7.33 0.91 1.10
N SER A 422 -6.89 1.82 0.22
CA SER A 422 -6.47 3.13 0.68
C SER A 422 -7.66 3.95 1.18
N LYS A 423 -8.71 4.06 0.37
CA LYS A 423 -9.93 4.72 0.83
C LYS A 423 -10.59 3.92 1.95
N GLY A 424 -10.43 2.60 1.94
CA GLY A 424 -10.93 1.81 3.05
C GLY A 424 -10.27 2.18 4.37
N ALA A 425 -8.94 2.30 4.37
CA ALA A 425 -8.24 2.74 5.57
C ALA A 425 -8.56 4.20 5.90
N SER A 426 -8.86 5.01 4.88
CA SER A 426 -9.13 6.42 5.13
C SER A 426 -10.49 6.63 5.78
N VAL A 427 -11.50 5.86 5.37
CA VAL A 427 -12.82 6.02 5.99
C VAL A 427 -12.84 5.43 7.39
N ILE A 428 -11.96 4.47 7.67
CA ILE A 428 -11.85 3.96 9.05
C ILE A 428 -11.26 5.03 9.96
N ARG A 429 -10.25 5.76 9.48
CA ARG A 429 -9.68 6.86 10.26
C ARG A 429 -10.69 7.96 10.49
N MET A 430 -11.47 8.30 9.46
CA MET A 430 -12.54 9.28 9.62
C MET A 430 -13.59 8.80 10.61
N LEU A 431 -13.86 7.50 10.62
CA LEU A 431 -14.84 6.96 11.56
C LEU A 431 -14.31 6.98 12.99
N HIS A 432 -13.04 6.64 13.17
CA HIS A 432 -12.45 6.67 14.51
C HIS A 432 -12.47 8.07 15.09
N ASP A 433 -12.17 9.08 14.28
CA ASP A 433 -12.22 10.46 14.76
C ASP A 433 -13.66 10.88 15.06
N TYR A 434 -14.61 10.42 14.23
CA TYR A 434 -16.01 10.73 14.46
C TYR A 434 -16.53 10.05 15.73
N ILE A 435 -16.09 8.82 15.99
CA ILE A 435 -16.51 8.12 17.20
C ILE A 435 -15.81 8.68 18.44
N GLY A 436 -14.51 8.93 18.33
CA GLY A 436 -13.70 9.23 19.50
C GLY A 436 -13.02 7.98 20.00
N ASP A 437 -11.77 8.12 20.45
CA ASP A 437 -10.99 6.93 20.84
C ASP A 437 -11.63 6.19 22.00
N LYS A 438 -12.39 6.89 22.84
CA LYS A 438 -13.02 6.25 23.99
C LYS A 438 -14.06 5.22 23.52
N ASP A 439 -15.09 5.67 22.82
CA ASP A 439 -16.14 4.75 22.36
C ASP A 439 -15.64 3.79 21.30
N PHE A 440 -14.59 4.15 20.56
CA PHE A 440 -14.07 3.26 19.52
C PHE A 440 -13.40 2.03 20.12
N LYS A 441 -12.62 2.22 21.19
CA LYS A 441 -12.05 1.09 21.90
C LYS A 441 -13.14 0.21 22.50
N LYS A 442 -14.19 0.82 23.04
CA LYS A 442 -15.26 0.04 23.66
C LYS A 442 -16.02 -0.77 22.62
N GLY A 443 -16.30 -0.19 21.45
CA GLY A 443 -17.00 -0.92 20.42
C GLY A 443 -16.19 -2.06 19.83
N MET A 444 -14.87 -1.91 19.74
CA MET A 444 -14.04 -2.98 19.23
C MET A 444 -13.93 -4.13 20.21
N ASN A 445 -13.88 -3.83 21.51
CA ASN A 445 -13.89 -4.88 22.52
C ASN A 445 -15.21 -5.66 22.49
N MET A 446 -16.32 -4.96 22.33
CA MET A 446 -17.61 -5.63 22.18
C MET A 446 -17.64 -6.47 20.91
N TYR A 447 -17.03 -5.97 19.83
CA TYR A 447 -17.05 -6.69 18.56
C TYR A 447 -16.22 -7.96 18.64
N LEU A 448 -14.99 -7.87 19.18
CA LEU A 448 -14.11 -9.03 19.21
C LEU A 448 -14.64 -10.10 20.15
N THR A 449 -15.12 -9.72 21.33
CA THR A 449 -15.59 -10.71 22.29
C THR A 449 -16.88 -11.38 21.81
N LYS A 450 -17.68 -10.69 21.00
CA LYS A 450 -18.94 -11.26 20.54
C LYS A 450 -18.73 -12.28 19.44
N PHE A 451 -17.84 -11.99 18.48
CA PHE A 451 -17.62 -12.84 17.33
C PHE A 451 -16.31 -13.60 17.40
N GLN A 452 -15.73 -13.75 18.59
CA GLN A 452 -14.47 -14.47 18.72
C GLN A 452 -14.62 -15.92 18.26
N GLN A 453 -13.67 -16.37 17.45
CA GLN A 453 -13.71 -17.70 16.81
C GLN A 453 -14.99 -17.88 15.98
N LYS A 454 -15.50 -16.79 15.43
CA LYS A 454 -16.70 -16.83 14.60
C LYS A 454 -16.46 -15.92 13.39
N ASN A 455 -17.54 -15.64 12.67
CA ASN A 455 -17.47 -14.79 11.49
C ASN A 455 -18.51 -13.68 11.60
N ALA A 456 -18.22 -12.57 10.94
CA ALA A 456 -19.09 -11.40 10.97
C ALA A 456 -18.98 -10.66 9.65
N ALA A 457 -20.01 -9.88 9.33
CA ALA A 457 -20.03 -9.06 8.13
C ALA A 457 -19.68 -7.61 8.48
N THR A 458 -19.72 -6.75 7.47
CA THR A 458 -19.43 -5.34 7.69
C THR A 458 -20.52 -4.69 8.54
N GLU A 459 -21.77 -5.10 8.34
CA GLU A 459 -22.87 -4.52 9.11
C GLU A 459 -22.79 -4.90 10.58
N ASP A 460 -22.20 -6.06 10.90
CA ASP A 460 -22.03 -6.44 12.29
C ASP A 460 -21.05 -5.52 13.00
N LEU A 461 -20.06 -4.99 12.30
CA LEU A 461 -19.13 -4.06 12.92
C LEU A 461 -19.80 -2.72 13.18
N TRP A 462 -20.66 -2.26 12.26
CA TRP A 462 -21.37 -1.01 12.46
C TRP A 462 -22.32 -1.09 13.65
N GLU A 463 -22.87 -2.27 13.90
CA GLU A 463 -23.79 -2.44 15.03
C GLU A 463 -23.04 -2.35 16.35
N SER A 464 -21.90 -3.05 16.46
CA SER A 464 -21.13 -3.02 17.70
C SER A 464 -20.60 -1.63 17.99
N LEU A 465 -20.24 -0.88 16.95
CA LEU A 465 -19.81 0.51 17.15
C LEU A 465 -20.99 1.42 17.46
N GLU A 466 -22.16 1.14 16.88
CA GLU A 466 -23.34 1.94 17.18
C GLU A 466 -23.84 1.70 18.59
N ASN A 467 -23.70 0.48 19.10
CA ASN A 467 -24.12 0.18 20.47
C ASN A 467 -23.25 0.92 21.48
N ALA A 468 -21.95 1.01 21.23
CA ALA A 468 -21.04 1.63 22.19
C ALA A 468 -21.03 3.15 22.10
N SER A 469 -21.41 3.72 20.96
CA SER A 469 -21.35 5.16 20.76
C SER A 469 -22.71 5.83 20.68
N GLY A 470 -23.76 5.11 20.30
CA GLY A 470 -25.06 5.73 20.13
C GLY A 470 -25.19 6.62 18.92
N LYS A 471 -24.24 6.55 17.96
CA LYS A 471 -24.25 7.31 16.73
C LYS A 471 -24.68 6.45 15.55
N PRO A 472 -25.38 7.01 14.57
CA PRO A 472 -25.86 6.21 13.43
C PRO A 472 -24.74 5.77 12.51
N ILE A 473 -24.00 4.74 12.91
CA ILE A 473 -22.80 4.35 12.18
C ILE A 473 -23.15 3.66 10.87
N ALA A 474 -24.16 2.77 10.90
CA ALA A 474 -24.54 2.05 9.69
C ALA A 474 -25.02 3.00 8.60
N ALA A 475 -25.77 4.04 8.99
CA ALA A 475 -26.28 4.99 8.01
C ALA A 475 -25.15 5.85 7.43
N VAL A 476 -24.24 6.31 8.28
CA VAL A 476 -23.14 7.16 7.83
C VAL A 476 -22.19 6.38 6.93
N MET A 477 -21.80 5.18 7.35
CA MET A 477 -20.82 4.40 6.60
C MET A 477 -21.39 3.87 5.28
N ASN A 478 -22.72 3.76 5.16
CA ASN A 478 -23.29 3.34 3.90
C ASN A 478 -23.04 4.36 2.80
N THR A 479 -23.01 5.65 3.15
CA THR A 479 -22.73 6.68 2.15
C THR A 479 -21.28 6.67 1.71
N TRP A 480 -20.39 6.05 2.48
CA TRP A 480 -18.98 5.98 2.14
C TRP A 480 -18.56 4.64 1.57
N THR A 481 -19.41 3.62 1.66
CA THR A 481 -19.08 2.28 1.17
C THR A 481 -19.95 1.81 0.02
N LYS A 482 -21.21 2.25 -0.06
CA LYS A 482 -22.12 1.78 -1.09
C LYS A 482 -22.10 2.65 -2.35
N GLN A 483 -21.36 3.75 -2.35
CA GLN A 483 -21.26 4.61 -3.52
C GLN A 483 -19.82 5.06 -3.70
N MET A 484 -19.49 5.43 -4.93
CA MET A 484 -18.15 5.89 -5.26
C MET A 484 -18.06 7.41 -5.04
N GLY A 485 -16.84 7.93 -5.18
CA GLY A 485 -16.61 9.35 -5.10
C GLY A 485 -16.61 9.86 -3.66
N PHE A 486 -16.19 11.12 -3.52
CA PHE A 486 -16.15 11.81 -2.25
C PHE A 486 -16.60 13.25 -2.44
N PRO A 487 -17.12 13.89 -1.40
CA PRO A 487 -17.66 15.25 -1.56
C PRO A 487 -16.60 16.33 -1.44
N LEU A 488 -16.94 17.49 -1.98
CA LEU A 488 -16.20 18.72 -1.80
C LEU A 488 -16.99 19.63 -0.87
N ILE A 489 -16.37 20.07 0.20
CA ILE A 489 -17.03 20.89 1.21
C ILE A 489 -16.57 22.33 1.01
N TYR A 490 -17.51 23.19 0.58
CA TYR A 490 -17.27 24.62 0.51
C TYR A 490 -17.72 25.27 1.81
N VAL A 491 -16.90 26.15 2.35
CA VAL A 491 -17.18 26.82 3.60
C VAL A 491 -16.98 28.31 3.44
N GLU A 492 -17.91 29.10 4.00
CA GLU A 492 -17.87 30.55 3.95
C GLU A 492 -18.10 31.07 5.36
N ALA A 493 -17.44 32.17 5.71
CA ALA A 493 -17.44 32.67 7.07
C ALA A 493 -18.00 34.08 7.13
N GLU A 494 -18.76 34.36 8.19
CA GLU A 494 -19.30 35.68 8.45
C GLU A 494 -19.21 35.95 9.95
N GLN A 495 -18.71 37.12 10.32
CA GLN A 495 -18.54 37.49 11.72
C GLN A 495 -19.86 38.02 12.28
N VAL A 496 -20.40 37.34 13.29
CA VAL A 496 -21.62 37.75 13.96
C VAL A 496 -21.27 37.92 15.44
N GLU A 497 -21.08 39.18 15.86
CA GLU A 497 -20.70 39.53 17.23
C GLU A 497 -19.38 38.83 17.53
N ASP A 498 -19.24 38.12 18.65
CA ASP A 498 -18.01 37.37 18.95
C ASP A 498 -18.02 35.97 18.37
N ASP A 499 -19.11 35.56 17.73
CA ASP A 499 -19.20 34.27 17.08
C ASP A 499 -18.94 34.42 15.58
N ARG A 500 -18.69 33.29 14.92
CA ARG A 500 -18.50 33.26 13.48
C ARG A 500 -19.48 32.25 12.88
N LEU A 501 -20.36 32.73 12.00
CA LEU A 501 -21.30 31.88 11.31
C LEU A 501 -20.62 31.21 10.12
N LEU A 502 -20.76 29.90 10.00
CA LEU A 502 -20.18 29.14 8.90
C LEU A 502 -21.30 28.61 8.02
N ARG A 503 -21.15 28.76 6.71
CA ARG A 503 -22.11 28.25 5.73
C ARG A 503 -21.42 27.16 4.92
N LEU A 504 -21.88 25.93 5.08
CA LEU A 504 -21.26 24.77 4.44
C LEU A 504 -22.19 24.19 3.39
N SER A 505 -21.61 23.70 2.30
CA SER A 505 -22.34 23.02 1.24
C SER A 505 -21.47 21.91 0.68
N GLN A 506 -22.12 20.83 0.25
CA GLN A 506 -21.41 19.66 -0.26
C GLN A 506 -21.86 19.34 -1.68
N LYS A 507 -20.92 18.82 -2.47
CA LYS A 507 -21.18 18.35 -3.81
C LYS A 507 -20.08 17.37 -4.19
N LYS A 508 -20.38 16.50 -5.15
CA LYS A 508 -19.40 15.50 -5.57
C LYS A 508 -18.22 16.18 -6.23
N PHE A 509 -17.01 15.87 -5.77
CA PHE A 509 -15.80 16.41 -6.35
C PHE A 509 -15.31 15.56 -7.51
N CYS A 510 -14.92 16.24 -8.59
CA CYS A 510 -14.31 15.59 -9.75
C CYS A 510 -13.07 16.37 -10.16
N ALA A 511 -12.04 15.63 -10.61
CA ALA A 511 -10.80 16.27 -11.00
C ALA A 511 -11.00 17.22 -12.17
N GLY A 512 -12.04 17.00 -12.99
CA GLY A 512 -12.29 17.88 -14.12
C GLY A 512 -12.99 19.16 -13.74
N GLY A 513 -13.77 19.14 -12.69
CA GLY A 513 -14.51 20.31 -12.27
C GLY A 513 -15.82 19.88 -11.62
N SER A 514 -16.86 20.66 -11.89
CA SER A 514 -18.18 20.35 -11.35
C SER A 514 -18.70 19.05 -11.95
N TYR A 515 -19.18 18.16 -11.09
CA TYR A 515 -19.62 16.84 -11.52
C TYR A 515 -20.85 16.95 -12.41
N VAL A 516 -20.75 16.45 -13.64
CA VAL A 516 -21.86 16.41 -14.57
C VAL A 516 -22.61 15.10 -14.35
N GLY A 517 -23.88 15.22 -13.96
CA GLY A 517 -24.70 14.07 -13.63
C GLY A 517 -25.87 14.48 -12.77
N GLU A 518 -27.05 13.92 -13.01
CA GLU A 518 -28.27 14.37 -12.36
C GLU A 518 -28.66 13.49 -11.18
N ASP A 519 -27.79 12.56 -10.76
CA ASP A 519 -28.06 11.77 -9.56
C ASP A 519 -27.77 12.57 -8.29
N CYS A 520 -26.81 13.49 -8.34
CA CYS A 520 -26.45 14.37 -7.22
C CYS A 520 -26.13 13.56 -5.98
N PRO A 521 -24.96 12.94 -5.90
CA PRO A 521 -24.63 12.12 -4.73
C PRO A 521 -24.49 12.97 -3.48
N GLN A 522 -24.85 12.38 -2.35
CA GLN A 522 -24.79 13.04 -1.06
C GLN A 522 -24.10 12.12 -0.05
N TRP A 523 -23.36 12.73 0.88
CA TRP A 523 -22.64 12.00 1.91
C TRP A 523 -23.01 12.54 3.28
N MET A 524 -22.99 11.64 4.27
CA MET A 524 -23.07 12.04 5.69
C MET A 524 -21.63 12.26 6.15
N VAL A 525 -21.23 13.52 6.27
CA VAL A 525 -19.84 13.91 6.42
C VAL A 525 -19.60 14.35 7.86
N PRO A 526 -18.88 13.56 8.66
CA PRO A 526 -18.40 14.07 9.95
C PRO A 526 -17.27 15.07 9.73
N ILE A 527 -17.42 16.26 10.30
CA ILE A 527 -16.49 17.37 10.08
C ILE A 527 -15.96 17.83 11.43
N THR A 528 -14.63 17.91 11.54
CA THR A 528 -13.96 18.43 12.72
C THR A 528 -13.40 19.81 12.41
N ILE A 529 -13.73 20.79 13.25
CA ILE A 529 -13.37 22.18 13.03
C ILE A 529 -12.42 22.62 14.12
N SER A 530 -11.40 23.40 13.75
CA SER A 530 -10.44 23.93 14.69
C SER A 530 -10.20 25.41 14.39
N THR A 531 -9.77 26.14 15.41
CA THR A 531 -9.46 27.56 15.29
C THR A 531 -8.02 27.82 15.73
N SER A 532 -7.57 29.06 15.51
CA SER A 532 -6.20 29.42 15.88
C SER A 532 -6.00 29.38 17.38
N GLU A 533 -7.07 29.57 18.17
CA GLU A 533 -6.94 29.51 19.62
C GLU A 533 -6.55 28.12 20.10
N ASP A 534 -6.89 27.09 19.34
CA ASP A 534 -6.59 25.71 19.71
C ASP A 534 -6.43 24.89 18.45
N PRO A 535 -5.29 25.00 17.77
CA PRO A 535 -5.15 24.38 16.45
C PRO A 535 -4.92 22.88 16.48
N ASN A 536 -4.73 22.28 17.66
CA ASN A 536 -4.43 20.86 17.76
C ASN A 536 -5.59 20.05 18.32
N GLN A 537 -6.68 20.68 18.74
CA GLN A 537 -7.85 19.97 19.23
C GLN A 537 -9.11 20.58 18.62
N ALA A 538 -10.17 19.80 18.64
CA ALA A 538 -11.40 20.17 17.95
C ALA A 538 -12.07 21.35 18.63
N LYS A 539 -12.41 22.38 17.86
CA LYS A 539 -13.29 23.43 18.34
C LYS A 539 -14.75 22.96 18.33
N LEU A 540 -15.12 22.18 17.32
CA LEU A 540 -16.48 21.67 17.19
C LEU A 540 -16.46 20.47 16.25
N LYS A 541 -17.15 19.40 16.63
CA LYS A 541 -17.36 18.24 15.77
C LYS A 541 -18.82 18.20 15.35
N ILE A 542 -19.06 18.03 14.05
CA ILE A 542 -20.41 18.04 13.50
C ILE A 542 -20.56 16.87 12.54
N LEU A 543 -21.82 16.61 12.17
CA LEU A 543 -22.16 15.63 11.15
C LEU A 543 -23.08 16.30 10.14
N MET A 544 -22.60 16.43 8.90
CA MET A 544 -23.35 17.12 7.85
C MET A 544 -24.20 16.09 7.11
N ASP A 545 -25.48 16.02 7.47
CA ASP A 545 -26.42 15.11 6.83
C ASP A 545 -27.35 15.82 5.88
N LYS A 546 -26.99 17.00 5.42
CA LYS A 546 -27.78 17.81 4.52
C LYS A 546 -26.90 18.35 3.40
N PRO A 547 -27.49 18.67 2.24
CA PRO A 547 -26.67 19.29 1.18
C PRO A 547 -26.11 20.63 1.59
N GLU A 548 -26.82 21.39 2.43
CA GLU A 548 -26.32 22.64 2.97
C GLU A 548 -26.62 22.69 4.46
N MET A 549 -25.72 23.33 5.20
CA MET A 549 -25.82 23.36 6.65
C MET A 549 -25.08 24.59 7.17
N ASN A 550 -25.64 25.22 8.20
CA ASN A 550 -25.04 26.37 8.84
C ASN A 550 -24.49 25.96 10.22
N VAL A 551 -23.36 26.55 10.59
CA VAL A 551 -22.69 26.23 11.85
C VAL A 551 -22.22 27.54 12.47
N VAL A 552 -22.41 27.66 13.78
CA VAL A 552 -22.01 28.85 14.54
C VAL A 552 -20.91 28.44 15.50
N LEU A 553 -19.72 29.04 15.35
CA LEU A 553 -18.62 28.80 16.25
C LEU A 553 -18.65 29.90 17.32
N LYS A 554 -18.93 29.51 18.56
CA LYS A 554 -19.06 30.48 19.63
C LYS A 554 -17.69 31.02 20.05
N ASN A 555 -17.66 32.34 20.30
CA ASN A 555 -16.47 33.02 20.84
C ASN A 555 -15.26 32.83 19.91
N VAL A 556 -15.41 33.34 18.69
CA VAL A 556 -14.36 33.27 17.67
C VAL A 556 -14.15 34.69 17.15
N LYS A 557 -13.04 35.31 17.56
CA LYS A 557 -12.77 36.69 17.19
C LYS A 557 -12.34 36.76 15.72
N PRO A 558 -12.54 37.91 15.07
CA PRO A 558 -12.21 38.01 13.64
C PRO A 558 -10.73 37.84 13.33
N ASP A 559 -9.84 38.11 14.29
CA ASP A 559 -8.41 37.94 14.08
C ASP A 559 -7.96 36.49 14.12
N GLN A 560 -8.87 35.56 14.41
CA GLN A 560 -8.55 34.14 14.49
C GLN A 560 -8.96 33.44 13.20
N TRP A 561 -8.18 32.45 12.79
CA TRP A 561 -8.50 31.67 11.60
C TRP A 561 -9.23 30.39 11.98
N VAL A 562 -9.97 29.86 11.02
CA VAL A 562 -10.78 28.66 11.20
C VAL A 562 -10.34 27.63 10.17
N LYS A 563 -10.08 26.41 10.63
CA LYS A 563 -9.57 25.33 9.78
C LYS A 563 -10.55 24.17 9.84
N LEU A 564 -11.07 23.77 8.67
CA LEU A 564 -11.91 22.60 8.56
C LEU A 564 -11.05 21.35 8.40
N ASN A 565 -11.61 20.20 8.81
CA ASN A 565 -10.97 18.90 8.68
C ASN A 565 -9.63 18.88 9.44
N LEU A 566 -9.76 18.98 10.76
CA LEU A 566 -8.59 18.95 11.63
C LEU A 566 -7.85 17.64 11.49
N GLY A 567 -6.53 17.72 11.27
CA GLY A 567 -5.73 16.52 11.09
C GLY A 567 -5.96 15.80 9.78
N THR A 568 -6.76 16.37 8.88
CA THR A 568 -7.12 15.73 7.61
C THR A 568 -7.65 14.32 7.84
N VAL A 569 -8.54 14.19 8.83
CA VAL A 569 -9.10 12.88 9.15
C VAL A 569 -10.29 12.56 8.25
N GLY A 570 -11.01 13.57 7.78
CA GLY A 570 -12.17 13.33 6.94
C GLY A 570 -11.77 13.15 5.49
N PHE A 571 -12.44 12.20 4.82
CA PHE A 571 -12.14 11.88 3.43
C PHE A 571 -12.94 12.80 2.52
N TYR A 572 -12.49 14.05 2.43
CA TYR A 572 -13.11 15.04 1.56
C TYR A 572 -12.13 16.19 1.36
N ARG A 573 -12.38 16.98 0.32
CA ARG A 573 -11.62 18.18 0.07
C ARG A 573 -12.41 19.40 0.55
N THR A 574 -11.69 20.40 1.01
CA THR A 574 -12.28 21.62 1.55
C THR A 574 -11.93 22.80 0.65
N GLN A 575 -12.94 23.54 0.21
CA GLN A 575 -12.75 24.77 -0.55
C GLN A 575 -13.10 25.94 0.35
N TYR A 576 -12.08 26.70 0.74
CA TYR A 576 -12.28 27.88 1.57
C TYR A 576 -12.58 29.10 0.71
N SER A 577 -13.34 30.03 1.28
CA SER A 577 -13.56 31.31 0.63
C SER A 577 -12.25 32.11 0.61
N SER A 578 -12.24 33.16 -0.21
CA SER A 578 -11.05 34.00 -0.32
C SER A 578 -10.66 34.60 1.01
N ALA A 579 -11.66 35.03 1.80
CA ALA A 579 -11.36 35.60 3.11
C ALA A 579 -10.81 34.56 4.06
N MET A 580 -11.40 33.36 4.08
CA MET A 580 -10.95 32.32 4.99
C MET A 580 -9.55 31.82 4.62
N LEU A 581 -9.25 31.74 3.32
CA LEU A 581 -7.93 31.28 2.90
C LEU A 581 -6.85 32.27 3.33
N GLU A 582 -7.11 33.57 3.19
CA GLU A 582 -6.15 34.57 3.63
C GLU A 582 -5.94 34.52 5.15
N SER A 583 -7.00 34.17 5.89
CA SER A 583 -6.85 34.06 7.34
C SER A 583 -5.94 32.90 7.72
N LEU A 584 -5.89 31.86 6.89
CA LEU A 584 -5.06 30.70 7.20
C LEU A 584 -3.58 30.95 6.89
N LEU A 585 -3.27 31.98 6.12
CA LEU A 585 -1.88 32.24 5.74
C LEU A 585 -0.96 32.43 6.93
N PRO A 586 -1.30 33.22 7.96
CA PRO A 586 -0.42 33.29 9.14
C PRO A 586 -0.19 31.94 9.80
N GLY A 587 -1.22 31.11 9.88
CA GLY A 587 -1.07 29.80 10.49
C GLY A 587 -0.05 28.93 9.76
N ILE A 588 0.04 29.07 8.44
CA ILE A 588 1.07 28.37 7.69
C ILE A 588 2.44 28.95 7.99
N ARG A 589 2.52 30.28 8.08
CA ARG A 589 3.83 30.93 8.19
C ARG A 589 4.45 30.71 9.56
N ASP A 590 3.67 30.82 10.64
CA ASP A 590 4.18 30.63 11.99
C ASP A 590 4.11 29.18 12.45
N LEU A 591 3.72 28.25 11.57
CA LEU A 591 3.69 26.82 11.84
C LEU A 591 2.69 26.43 12.93
N SER A 592 1.81 27.35 13.34
CA SER A 592 0.79 27.00 14.33
C SER A 592 -0.20 25.98 13.76
N LEU A 593 -0.45 26.04 12.46
CA LEU A 593 -1.25 25.01 11.80
C LEU A 593 -0.44 23.72 11.77
N PRO A 594 -0.99 22.60 12.25
CA PRO A 594 -0.19 21.39 12.37
C PRO A 594 0.29 20.92 11.00
N PRO A 595 1.41 20.19 10.95
CA PRO A 595 1.97 19.81 9.64
C PRO A 595 1.02 18.99 8.79
N VAL A 596 0.22 18.11 9.42
CA VAL A 596 -0.73 17.31 8.65
C VAL A 596 -1.83 18.20 8.07
N ASP A 597 -2.15 19.31 8.75
CA ASP A 597 -3.15 20.23 8.21
C ASP A 597 -2.57 21.06 7.07
N ARG A 598 -1.32 21.50 7.20
CA ARG A 598 -0.68 22.23 6.10
C ARG A 598 -0.51 21.34 4.87
N LEU A 599 -0.26 20.05 5.08
CA LEU A 599 -0.15 19.11 3.96
C LEU A 599 -1.46 19.00 3.20
N GLY A 600 -2.57 18.78 3.92
CA GLY A 600 -3.85 18.61 3.27
C GLY A 600 -4.35 19.90 2.63
N LEU A 601 -4.10 21.03 3.28
CA LEU A 601 -4.56 22.31 2.74
C LEU A 601 -3.90 22.62 1.40
N GLN A 602 -2.58 22.45 1.31
CA GLN A 602 -1.89 22.70 0.05
C GLN A 602 -2.32 21.71 -1.03
N ASN A 603 -2.53 20.44 -0.66
CA ASN A 603 -2.91 19.44 -1.65
C ASN A 603 -4.31 19.68 -2.20
N ASP A 604 -5.21 20.21 -1.37
CA ASP A 604 -6.56 20.53 -1.86
C ASP A 604 -6.51 21.71 -2.82
N LEU A 605 -5.64 22.69 -2.57
CA LEU A 605 -5.59 23.88 -3.40
C LEU A 605 -5.17 23.55 -4.82
N PHE A 606 -4.19 22.65 -4.98
CA PHE A 606 -3.75 22.30 -6.32
C PHE A 606 -4.82 21.52 -7.06
N SER A 607 -5.54 20.64 -6.36
CA SER A 607 -6.62 19.88 -6.99
C SER A 607 -7.75 20.81 -7.42
N LEU A 608 -8.10 21.79 -6.58
CA LEU A 608 -9.18 22.70 -6.92
C LEU A 608 -8.77 23.61 -8.07
N ALA A 609 -7.52 24.08 -8.08
CA ALA A 609 -7.05 24.91 -9.19
C ALA A 609 -6.99 24.11 -10.48
N ARG A 610 -6.53 22.86 -10.41
CA ARG A 610 -6.49 22.02 -11.61
C ARG A 610 -7.90 21.72 -12.12
N ALA A 611 -8.88 21.61 -11.21
CA ALA A 611 -10.26 21.37 -11.59
C ALA A 611 -10.98 22.61 -12.05
N GLY A 612 -10.34 23.78 -12.03
CA GLY A 612 -10.98 25.01 -12.42
C GLY A 612 -11.92 25.61 -11.40
N ILE A 613 -11.95 25.08 -10.18
CA ILE A 613 -12.84 25.62 -9.16
C ILE A 613 -12.27 26.92 -8.60
N ILE A 614 -10.95 27.00 -8.44
CA ILE A 614 -10.27 28.23 -8.06
C ILE A 614 -9.19 28.52 -9.09
N SER A 615 -8.63 29.73 -9.00
CA SER A 615 -7.58 30.13 -9.92
C SER A 615 -6.22 29.64 -9.44
N THR A 616 -5.32 29.43 -10.40
CA THR A 616 -3.96 29.00 -10.06
C THR A 616 -3.19 30.12 -9.39
N VAL A 617 -3.45 31.38 -9.78
CA VAL A 617 -2.76 32.51 -9.16
C VAL A 617 -3.02 32.53 -7.65
N GLU A 618 -4.24 32.20 -7.24
CA GLU A 618 -4.57 32.16 -5.82
C GLU A 618 -3.74 31.10 -5.08
N VAL A 619 -3.43 30.00 -5.74
CA VAL A 619 -2.60 28.96 -5.13
C VAL A 619 -1.15 29.42 -5.03
N LEU A 620 -0.65 30.10 -6.07
CA LEU A 620 0.73 30.56 -6.07
C LEU A 620 1.01 31.54 -4.94
N LYS A 621 0.01 32.37 -4.58
CA LYS A 621 0.20 33.31 -3.48
C LYS A 621 0.32 32.61 -2.14
N VAL A 622 -0.24 31.41 -2.01
CA VAL A 622 -0.12 30.65 -0.76
C VAL A 622 1.25 30.01 -0.64
N MET A 623 1.88 29.69 -1.77
CA MET A 623 3.20 29.04 -1.75
C MET A 623 4.23 29.90 -1.02
N GLU A 624 4.08 31.23 -1.04
CA GLU A 624 5.03 32.10 -0.37
C GLU A 624 4.96 32.00 1.15
N ALA A 625 3.86 31.45 1.69
CA ALA A 625 3.75 31.26 3.14
C ALA A 625 4.41 29.98 3.62
N PHE A 626 4.87 29.12 2.71
CA PHE A 626 5.52 27.87 3.08
C PHE A 626 7.04 28.01 3.18
N VAL A 627 7.57 29.23 3.12
CA VAL A 627 9.01 29.42 3.11
C VAL A 627 9.65 28.96 4.42
N ASN A 628 8.87 28.85 5.49
CA ASN A 628 9.37 28.39 6.78
C ASN A 628 9.06 26.94 7.04
N GLU A 629 8.65 26.19 6.03
CA GLU A 629 8.22 24.81 6.24
C GLU A 629 9.42 23.94 6.60
N PRO A 630 9.40 23.22 7.71
CA PRO A 630 10.54 22.34 8.04
C PRO A 630 10.27 20.87 7.75
N ASN A 631 9.00 20.51 7.57
CA ASN A 631 8.61 19.11 7.47
C ASN A 631 8.95 18.56 6.09
N TYR A 632 9.55 17.37 6.05
CA TYR A 632 9.96 16.76 4.79
C TYR A 632 8.75 16.31 3.96
N THR A 633 7.76 15.72 4.63
CA THR A 633 6.59 15.22 3.89
C THR A 633 5.82 16.34 3.22
N VAL A 634 5.74 17.50 3.87
CA VAL A 634 5.06 18.64 3.28
C VAL A 634 5.81 19.13 2.05
N TRP A 635 7.14 19.26 2.15
CA TRP A 635 7.93 19.68 0.99
C TRP A 635 7.87 18.66 -0.14
N SER A 636 7.80 17.37 0.19
CA SER A 636 7.71 16.33 -0.83
C SER A 636 6.46 16.51 -1.69
N ASP A 637 5.32 16.77 -1.04
CA ASP A 637 4.09 17.03 -1.80
C ASP A 637 4.12 18.41 -2.43
N LEU A 638 4.75 19.38 -1.78
CA LEU A 638 4.94 20.68 -2.41
C LEU A 638 5.78 20.56 -3.68
N SER A 639 6.91 19.86 -3.60
CA SER A 639 7.77 19.68 -4.76
C SER A 639 7.04 18.93 -5.88
N CYS A 640 6.22 17.94 -5.50
CA CYS A 640 5.49 17.16 -6.50
C CYS A 640 4.46 18.01 -7.23
N ASN A 641 3.67 18.78 -6.49
CA ASN A 641 2.66 19.62 -7.10
C ASN A 641 3.29 20.71 -7.97
N LEU A 642 4.34 21.37 -7.46
CA LEU A 642 5.01 22.41 -8.24
C LEU A 642 5.72 21.84 -9.45
N GLY A 643 6.20 20.60 -9.37
CA GLY A 643 6.80 19.97 -10.53
C GLY A 643 5.79 19.75 -11.64
N ILE A 644 4.56 19.37 -11.29
CA ILE A 644 3.50 19.22 -12.27
C ILE A 644 3.20 20.56 -12.93
N LEU A 645 3.17 21.63 -12.15
CA LEU A 645 2.89 22.95 -12.71
C LEU A 645 4.04 23.45 -13.57
N SER A 646 5.27 23.22 -13.14
CA SER A 646 6.43 23.68 -13.91
C SER A 646 6.49 23.03 -15.28
N THR A 647 6.33 21.71 -15.34
CA THR A 647 6.31 21.03 -16.62
C THR A 647 5.10 21.44 -17.46
N LEU A 648 3.99 21.77 -16.80
CA LEU A 648 2.82 22.27 -17.52
C LEU A 648 3.11 23.62 -18.16
N LEU A 649 3.69 24.55 -17.40
CA LEU A 649 4.02 25.88 -17.91
C LEU A 649 5.25 25.90 -18.81
N SER A 650 5.89 24.75 -19.04
CA SER A 650 6.97 24.69 -20.02
C SER A 650 6.47 24.82 -21.45
N HIS A 651 5.16 24.60 -21.68
CA HIS A 651 4.56 24.80 -23.00
C HIS A 651 4.32 26.26 -23.31
N THR A 652 4.59 27.17 -22.38
CA THR A 652 4.34 28.59 -22.57
C THR A 652 5.65 29.32 -22.86
N ASP A 653 5.54 30.64 -23.02
CA ASP A 653 6.67 31.49 -23.33
C ASP A 653 7.25 32.18 -22.12
N PHE A 654 6.89 31.74 -20.90
CA PHE A 654 7.40 32.35 -19.69
C PHE A 654 7.88 31.29 -18.70
N TYR A 655 8.44 30.18 -19.22
CA TYR A 655 8.94 29.13 -18.35
C TYR A 655 10.05 29.64 -17.44
N GLU A 656 10.77 30.69 -17.86
CA GLU A 656 11.75 31.32 -16.99
C GLU A 656 11.09 31.95 -15.76
N GLU A 657 9.86 32.45 -15.92
CA GLU A 657 9.21 33.15 -14.83
C GLU A 657 8.76 32.19 -13.74
N ILE A 658 8.32 30.99 -14.12
CA ILE A 658 7.91 30.03 -13.09
C ILE A 658 9.13 29.41 -12.42
N GLN A 659 10.25 29.28 -13.14
CA GLN A 659 11.47 28.80 -12.50
C GLN A 659 11.97 29.81 -11.46
N GLU A 660 11.90 31.10 -11.78
CA GLU A 660 12.25 32.12 -10.80
C GLU A 660 11.33 32.07 -9.58
N PHE A 661 10.05 31.74 -9.81
CA PHE A 661 9.12 31.61 -8.68
C PHE A 661 9.46 30.41 -7.81
N VAL A 662 9.84 29.29 -8.43
CA VAL A 662 10.22 28.10 -7.66
C VAL A 662 11.46 28.37 -6.82
N LYS A 663 12.42 29.11 -7.36
CA LYS A 663 13.65 29.41 -6.62
C LYS A 663 13.35 30.22 -5.36
N ASP A 664 12.42 31.17 -5.43
CA ASP A 664 12.10 31.99 -4.26
C ASP A 664 11.44 31.17 -3.16
N VAL A 665 10.71 30.11 -3.52
CA VAL A 665 10.02 29.30 -2.51
C VAL A 665 11.00 28.38 -1.80
N PHE A 666 11.97 27.83 -2.52
CA PHE A 666 12.90 26.85 -1.97
C PHE A 666 14.21 27.47 -1.51
N SER A 667 14.44 28.76 -1.75
CA SER A 667 15.68 29.38 -1.30
C SER A 667 15.83 29.40 0.21
N PRO A 668 14.83 29.84 1.00
CA PRO A 668 15.06 29.90 2.46
C PRO A 668 15.29 28.52 3.08
N ILE A 669 14.52 27.52 2.68
CA ILE A 669 14.74 26.17 3.21
C ILE A 669 16.06 25.62 2.72
N GLY A 670 16.51 26.03 1.53
CA GLY A 670 17.81 25.60 1.04
C GLY A 670 18.95 26.13 1.86
N GLU A 671 18.91 27.42 2.23
CA GLU A 671 19.95 28.00 3.06
C GLU A 671 19.92 27.47 4.48
N ARG A 672 18.73 27.14 5.00
CA ARG A 672 18.64 26.58 6.35
C ARG A 672 19.30 25.21 6.43
N LEU A 673 19.07 24.35 5.43
CA LEU A 673 19.65 23.02 5.45
C LEU A 673 21.14 23.05 5.12
N GLY A 674 21.55 23.89 4.17
CA GLY A 674 22.93 23.89 3.75
C GLY A 674 23.27 22.64 2.94
N TRP A 675 24.58 22.42 2.78
CA TRP A 675 25.07 21.28 2.01
C TRP A 675 25.59 20.13 2.84
N ASP A 676 26.15 20.41 4.03
CA ASP A 676 26.70 19.32 4.82
C ASP A 676 25.78 18.99 6.00
N PRO A 677 25.76 17.72 6.40
CA PRO A 677 24.93 17.33 7.56
C PRO A 677 25.40 18.02 8.83
N LYS A 678 24.45 18.62 9.54
CA LYS A 678 24.68 19.34 10.78
C LYS A 678 24.70 18.38 11.97
N PRO A 679 25.33 18.77 13.08
CA PRO A 679 25.46 17.85 14.22
C PRO A 679 24.10 17.49 14.80
N GLY A 680 23.77 16.21 14.72
CA GLY A 680 22.54 15.70 15.31
C GLY A 680 21.33 15.77 14.41
N GLU A 681 21.50 15.56 13.10
CA GLU A 681 20.38 15.55 12.19
C GLU A 681 19.65 14.20 12.24
N GLY A 682 18.43 14.20 11.68
CA GLY A 682 17.68 12.99 11.50
C GLY A 682 17.88 12.38 10.14
N HIS A 683 17.06 11.38 9.83
CA HIS A 683 17.10 10.75 8.52
C HIS A 683 16.26 11.47 7.49
N LEU A 684 15.21 12.16 7.93
CA LEU A 684 14.39 12.94 7.00
C LEU A 684 15.10 14.22 6.58
N ASP A 685 15.94 14.78 7.45
CA ASP A 685 16.69 15.98 7.10
C ASP A 685 17.69 15.73 5.98
N ALA A 686 18.24 14.52 5.90
CA ALA A 686 19.10 14.17 4.78
C ALA A 686 18.28 14.01 3.50
N LEU A 687 17.09 13.44 3.61
CA LEU A 687 16.20 13.33 2.45
C LEU A 687 15.69 14.70 2.02
N LEU A 688 15.35 15.57 2.98
CA LEU A 688 14.85 16.89 2.64
C LEU A 688 15.91 17.75 1.97
N ARG A 689 17.16 17.61 2.39
CA ARG A 689 18.24 18.36 1.75
C ARG A 689 18.39 17.95 0.28
N GLY A 690 18.28 16.66 -0.01
CA GLY A 690 18.38 16.22 -1.39
C GLY A 690 17.24 16.73 -2.25
N LEU A 691 16.01 16.73 -1.71
CA LEU A 691 14.87 17.21 -2.47
C LEU A 691 14.96 18.71 -2.75
N VAL A 692 15.32 19.50 -1.75
CA VAL A 692 15.38 20.95 -1.92
C VAL A 692 16.49 21.34 -2.88
N LEU A 693 17.69 20.77 -2.69
CA LEU A 693 18.82 21.10 -3.54
C LEU A 693 18.57 20.69 -4.99
N GLY A 694 17.94 19.53 -5.21
CA GLY A 694 17.59 19.14 -6.56
C GLY A 694 16.58 20.06 -7.20
N LYS A 695 15.64 20.57 -6.40
CA LYS A 695 14.66 21.51 -6.94
C LYS A 695 15.31 22.82 -7.34
N LEU A 696 16.17 23.36 -6.46
CA LEU A 696 16.87 24.60 -6.79
C LEU A 696 17.85 24.39 -7.95
N GLY A 697 18.52 23.23 -7.98
CA GLY A 697 19.47 22.98 -9.06
C GLY A 697 18.80 22.91 -10.42
N LYS A 698 17.64 22.25 -10.49
CA LYS A 698 16.91 22.17 -11.75
C LYS A 698 16.38 23.53 -12.17
N ALA A 699 15.94 24.35 -11.22
CA ALA A 699 15.39 25.67 -11.51
C ALA A 699 16.46 26.70 -11.89
N GLY A 700 17.74 26.34 -11.82
CA GLY A 700 18.80 27.27 -12.22
C GLY A 700 19.34 28.16 -11.13
N HIS A 701 19.16 27.79 -9.87
CA HIS A 701 19.70 28.58 -8.76
C HIS A 701 21.22 28.67 -8.86
N LYS A 702 21.72 29.90 -9.02
CA LYS A 702 23.14 30.08 -9.34
C LYS A 702 24.03 29.56 -8.23
N ALA A 703 23.74 29.91 -6.97
CA ALA A 703 24.55 29.44 -5.86
C ALA A 703 24.52 27.92 -5.75
N THR A 704 23.37 27.30 -6.03
CA THR A 704 23.27 25.85 -6.00
C THR A 704 24.02 25.22 -7.18
N LEU A 705 23.92 25.83 -8.36
CA LEU A 705 24.61 25.30 -9.53
C LEU A 705 26.13 25.36 -9.35
N GLU A 706 26.63 26.46 -8.78
CA GLU A 706 28.08 26.60 -8.60
C GLU A 706 28.61 25.57 -7.62
N GLU A 707 27.94 25.39 -6.48
CA GLU A 707 28.40 24.43 -5.48
C GLU A 707 28.30 23.00 -6.01
N ALA A 708 27.24 22.68 -6.74
CA ALA A 708 27.10 21.34 -7.31
C ALA A 708 28.22 21.00 -8.28
N ARG A 709 28.73 22.00 -9.00
CA ARG A 709 29.86 21.76 -9.90
C ARG A 709 31.16 21.53 -9.13
N ARG A 710 31.30 22.14 -7.95
CA ARG A 710 32.46 21.86 -7.11
C ARG A 710 32.46 20.41 -6.64
N ARG A 711 31.32 19.95 -6.13
CA ARG A 711 31.23 18.57 -5.65
C ARG A 711 31.39 17.57 -6.78
N PHE A 712 30.83 17.87 -7.96
CA PHE A 712 30.88 16.92 -9.06
C PHE A 712 32.28 16.81 -9.64
N LYS A 713 32.99 17.95 -9.76
CA LYS A 713 34.34 17.90 -10.30
C LYS A 713 35.33 17.29 -9.30
N ASP A 714 35.04 17.38 -8.00
CA ASP A 714 35.84 16.70 -6.99
C ASP A 714 35.47 15.23 -6.86
N HIS A 715 34.27 14.82 -7.31
CA HIS A 715 33.88 13.42 -7.25
C HIS A 715 34.49 12.62 -8.38
N VAL A 716 34.56 13.20 -9.59
CA VAL A 716 35.08 12.49 -10.74
C VAL A 716 36.61 12.47 -10.77
N GLU A 717 37.26 13.40 -10.08
CA GLU A 717 38.72 13.45 -10.01
C GLU A 717 39.29 12.67 -8.83
N GLY A 718 38.44 11.92 -8.13
CA GLY A 718 38.89 11.14 -6.99
C GLY A 718 39.43 11.96 -5.84
N LYS A 719 39.02 13.22 -5.71
CA LYS A 719 39.51 14.07 -4.64
C LYS A 719 38.67 13.91 -3.36
N GLN A 720 37.36 13.81 -3.49
CA GLN A 720 36.48 13.57 -2.35
C GLN A 720 35.14 13.09 -2.90
N ILE A 721 34.86 11.80 -2.74
CA ILE A 721 33.61 11.24 -3.24
C ILE A 721 32.44 11.82 -2.45
N LEU A 722 31.44 12.32 -3.17
CA LEU A 722 30.29 12.94 -2.53
C LEU A 722 29.38 11.87 -1.92
N SER A 723 28.54 12.32 -0.99
CA SER A 723 27.65 11.41 -0.27
C SER A 723 26.60 10.83 -1.23
N ALA A 724 26.04 9.69 -0.82
CA ALA A 724 24.96 9.08 -1.59
C ALA A 724 23.66 9.88 -1.49
N ASP A 725 23.51 10.71 -0.47
CA ASP A 725 22.33 11.54 -0.34
C ASP A 725 22.36 12.75 -1.26
N LEU A 726 23.55 13.31 -1.50
CA LEU A 726 23.74 14.43 -2.41
C LEU A 726 23.99 14.00 -3.85
N ARG A 727 24.04 12.70 -4.10
CA ARG A 727 24.48 12.20 -5.40
C ARG A 727 23.46 12.48 -6.50
N SER A 728 22.20 12.13 -6.24
CA SER A 728 21.15 12.36 -7.24
C SER A 728 20.93 13.84 -7.54
N PRO A 729 20.85 14.76 -6.56
CA PRO A 729 20.68 16.17 -6.93
C PRO A 729 21.85 16.76 -7.70
N VAL A 730 23.08 16.40 -7.32
CA VAL A 730 24.26 16.90 -8.04
C VAL A 730 24.26 16.42 -9.48
N TYR A 731 23.95 15.14 -9.69
CA TYR A 731 23.91 14.60 -11.04
C TYR A 731 22.88 15.32 -11.90
N LEU A 732 21.68 15.51 -11.34
CA LEU A 732 20.62 16.23 -12.07
C LEU A 732 21.06 17.64 -12.41
N THR A 733 21.71 18.33 -11.48
CA THR A 733 22.03 19.74 -11.67
C THR A 733 23.13 19.93 -12.72
N VAL A 734 24.24 19.20 -12.58
CA VAL A 734 25.35 19.39 -13.51
C VAL A 734 25.03 18.88 -14.91
N LEU A 735 24.07 17.96 -15.04
CA LEU A 735 23.75 17.42 -16.36
C LEU A 735 22.77 18.32 -17.11
N LYS A 736 21.80 18.91 -16.42
CA LYS A 736 20.88 19.83 -17.07
C LYS A 736 21.60 21.08 -17.57
N HIS A 737 22.51 21.62 -16.76
CA HIS A 737 23.25 22.83 -17.11
C HIS A 737 24.61 22.53 -17.71
N GLY A 738 24.87 21.29 -18.10
CA GLY A 738 26.12 20.89 -18.71
C GLY A 738 25.99 20.73 -20.21
N ASP A 739 27.00 20.07 -20.80
CA ASP A 739 27.04 19.87 -22.24
C ASP A 739 27.36 18.41 -22.59
N GLY A 740 27.95 18.19 -23.76
CA GLY A 740 28.33 16.85 -24.15
C GLY A 740 29.46 16.27 -23.32
N THR A 741 30.31 17.14 -22.78
CA THR A 741 31.38 16.67 -21.89
C THR A 741 30.80 16.12 -20.58
N THR A 742 29.79 16.79 -20.03
CA THR A 742 29.18 16.31 -18.79
C THR A 742 28.47 14.97 -19.00
N LEU A 743 27.81 14.80 -20.16
CA LEU A 743 27.13 13.54 -20.44
C LEU A 743 28.11 12.39 -20.58
N ASP A 744 29.25 12.63 -21.25
CA ASP A 744 30.25 11.58 -21.39
C ASP A 744 30.83 11.17 -20.04
N ILE A 745 30.94 12.11 -19.10
CA ILE A 745 31.42 11.77 -17.77
C ILE A 745 30.43 10.87 -17.06
N MET A 746 29.13 11.18 -17.17
CA MET A 746 28.11 10.34 -16.55
C MET A 746 28.09 8.95 -17.16
N LEU A 747 28.24 8.87 -18.49
CA LEU A 747 28.31 7.56 -19.14
C LEU A 747 29.55 6.79 -18.71
N LYS A 748 30.67 7.49 -18.46
CA LYS A 748 31.85 6.83 -17.93
C LYS A 748 31.64 6.37 -16.49
N LEU A 749 30.87 7.13 -15.70
CA LEU A 749 30.56 6.72 -14.33
C LEU A 749 29.63 5.52 -14.28
N HIS A 750 28.83 5.29 -15.32
CA HIS A 750 27.88 4.19 -15.35
C HIS A 750 28.51 2.90 -15.86
N LYS A 751 29.21 2.96 -16.99
CA LYS A 751 29.87 1.78 -17.53
C LYS A 751 30.98 1.29 -16.61
N GLN A 752 31.53 2.17 -15.76
CA GLN A 752 32.53 1.79 -14.78
C GLN A 752 31.92 1.57 -13.39
N ALA A 753 30.64 1.88 -13.21
CA ALA A 753 29.99 1.73 -11.91
C ALA A 753 30.16 0.32 -11.37
N ASP A 754 30.46 0.22 -10.08
CA ASP A 754 30.75 -1.06 -9.46
C ASP A 754 29.48 -1.87 -9.26
N MET A 755 28.49 -1.30 -8.58
CA MET A 755 27.27 -2.01 -8.25
C MET A 755 26.12 -1.61 -9.17
N GLN A 756 25.00 -2.31 -9.03
CA GLN A 756 23.82 -1.99 -9.81
C GLN A 756 23.08 -0.78 -9.25
N GLU A 757 23.14 -0.58 -7.94
CA GLU A 757 22.44 0.57 -7.33
C GLU A 757 22.99 1.89 -7.86
N GLU A 758 24.31 1.98 -8.02
CA GLU A 758 24.91 3.21 -8.56
C GLU A 758 24.49 3.42 -10.01
N LYS A 759 24.26 2.34 -10.75
CA LYS A 759 23.81 2.48 -12.14
C LYS A 759 22.41 3.06 -12.21
N ASN A 760 21.49 2.55 -11.37
CA ASN A 760 20.12 3.04 -11.37
C ASN A 760 20.04 4.51 -10.98
N ARG A 761 20.92 4.96 -10.08
CA ARG A 761 20.92 6.38 -9.71
C ARG A 761 21.32 7.27 -10.87
N ILE A 762 22.11 6.75 -11.81
CA ILE A 762 22.48 7.50 -13.00
C ILE A 762 21.43 7.39 -14.09
N GLU A 763 20.83 6.21 -14.25
CA GLU A 763 19.85 6.01 -15.31
C GLU A 763 18.64 6.92 -15.15
N ARG A 764 18.27 7.24 -13.90
CA ARG A 764 17.13 8.12 -13.69
C ARG A 764 17.44 9.56 -14.03
N VAL A 765 18.71 9.98 -13.87
CA VAL A 765 19.08 11.38 -14.05
C VAL A 765 19.66 11.66 -15.43
N LEU A 766 19.87 10.65 -16.26
CA LEU A 766 20.45 10.89 -17.58
C LEU A 766 19.54 11.75 -18.45
N GLY A 767 18.22 11.63 -18.26
CA GLY A 767 17.27 12.40 -19.04
C GLY A 767 17.25 13.89 -18.74
N ALA A 768 18.07 14.37 -17.80
CA ALA A 768 18.07 15.78 -17.44
C ALA A 768 18.78 16.64 -18.48
N THR A 769 19.54 16.04 -19.39
CA THR A 769 20.21 16.82 -20.42
C THR A 769 19.20 17.50 -21.33
N LEU A 770 19.56 18.70 -21.79
CA LEU A 770 18.65 19.54 -22.56
C LEU A 770 18.99 19.62 -24.03
N LEU A 771 20.22 19.30 -24.42
CA LEU A 771 20.62 19.43 -25.82
C LEU A 771 20.02 18.30 -26.64
N PRO A 772 19.49 18.61 -27.84
CA PRO A 772 18.77 17.59 -28.62
C PRO A 772 19.63 16.39 -28.99
N ASP A 773 20.88 16.62 -29.42
CA ASP A 773 21.73 15.50 -29.80
C ASP A 773 22.12 14.66 -28.59
N LEU A 774 22.22 15.27 -27.40
CA LEU A 774 22.47 14.49 -26.20
C LEU A 774 21.23 13.72 -25.76
N ILE A 775 20.04 14.29 -25.96
CA ILE A 775 18.80 13.60 -25.63
C ILE A 775 18.65 12.35 -26.48
N GLN A 776 18.93 12.46 -27.77
CA GLN A 776 18.90 11.29 -28.65
C GLN A 776 19.96 10.27 -28.24
N LYS A 777 21.10 10.74 -27.74
CA LYS A 777 22.14 9.82 -27.28
C LYS A 777 21.71 9.06 -26.03
N VAL A 778 20.95 9.70 -25.14
CA VAL A 778 20.46 9.00 -23.94
C VAL A 778 19.40 7.98 -24.31
N LEU A 779 18.51 8.33 -25.25
CA LEU A 779 17.46 7.40 -25.66
C LEU A 779 18.05 6.17 -26.33
N THR A 780 19.04 6.36 -27.20
CA THR A 780 19.73 5.21 -27.80
C THR A 780 20.47 4.41 -26.74
N PHE A 781 21.03 5.09 -25.72
CA PHE A 781 21.71 4.39 -24.64
C PHE A 781 20.77 3.53 -23.82
N ALA A 782 19.48 3.86 -23.82
CA ALA A 782 18.50 3.10 -23.05
C ALA A 782 18.33 1.69 -23.61
N LEU A 783 18.36 1.55 -24.94
CA LEU A 783 18.18 0.27 -25.59
C LEU A 783 19.49 -0.45 -25.87
N SER A 784 20.60 0.07 -25.35
CA SER A 784 21.90 -0.55 -25.58
C SER A 784 22.09 -1.75 -24.65
N GLU A 785 23.14 -2.52 -24.93
CA GLU A 785 23.46 -3.68 -24.11
C GLU A 785 23.92 -3.29 -22.70
N GLU A 786 24.35 -2.05 -22.52
CA GLU A 786 24.82 -1.60 -21.21
C GLU A 786 23.67 -1.47 -20.21
N VAL A 787 22.46 -1.21 -20.70
CA VAL A 787 21.28 -1.05 -19.85
C VAL A 787 20.45 -2.32 -19.91
N ARG A 788 20.08 -2.83 -18.74
CA ARG A 788 19.24 -4.02 -18.68
C ARG A 788 17.80 -3.66 -19.06
N PRO A 789 17.07 -4.57 -19.71
CA PRO A 789 15.75 -4.21 -20.24
C PRO A 789 14.75 -3.72 -19.21
N GLN A 790 14.79 -4.27 -17.98
CA GLN A 790 13.85 -3.83 -16.96
C GLN A 790 14.12 -2.42 -16.48
N ASP A 791 15.32 -1.88 -16.72
CA ASP A 791 15.64 -0.52 -16.35
C ASP A 791 15.61 0.44 -17.54
N THR A 792 15.23 -0.04 -18.73
CA THR A 792 15.19 0.82 -19.90
C THR A 792 14.09 1.87 -19.78
N VAL A 793 12.96 1.49 -19.19
CA VAL A 793 11.85 2.44 -19.03
C VAL A 793 12.22 3.57 -18.08
N SER A 794 13.12 3.32 -17.14
CA SER A 794 13.55 4.38 -16.23
C SER A 794 14.37 5.44 -16.97
N VAL A 795 15.21 5.02 -17.91
CA VAL A 795 16.01 5.97 -18.68
C VAL A 795 15.11 6.83 -19.57
N ILE A 796 14.22 6.19 -20.32
CA ILE A 796 13.30 6.93 -21.19
C ILE A 796 12.35 7.78 -20.36
N GLY A 797 11.97 7.31 -19.17
CA GLY A 797 11.11 8.11 -18.32
C GLY A 797 11.76 9.40 -17.88
N GLY A 798 13.04 9.36 -17.54
CA GLY A 798 13.76 10.58 -17.18
C GLY A 798 13.89 11.55 -18.33
N VAL A 799 13.90 11.04 -19.57
CA VAL A 799 13.97 11.92 -20.73
C VAL A 799 12.64 12.66 -20.92
N ALA A 800 11.52 11.95 -20.77
CA ALA A 800 10.22 12.58 -20.95
C ALA A 800 9.96 13.63 -19.87
N GLY A 801 10.43 13.38 -18.65
CA GLY A 801 10.28 14.32 -17.56
C GLY A 801 11.37 15.36 -17.45
N GLY A 802 12.35 15.34 -18.36
CA GLY A 802 13.45 16.28 -18.32
C GLY A 802 13.14 17.66 -18.83
N SER A 803 12.46 17.74 -19.97
CA SER A 803 12.16 19.02 -20.60
C SER A 803 10.99 18.83 -21.57
N LYS A 804 10.55 19.93 -22.16
CA LYS A 804 9.45 19.88 -23.12
C LYS A 804 9.87 19.15 -24.39
N HIS A 805 11.00 19.57 -24.98
CA HIS A 805 11.50 18.89 -26.17
C HIS A 805 11.97 17.48 -25.86
N GLY A 806 12.44 17.24 -24.64
CA GLY A 806 12.79 15.89 -24.23
C GLY A 806 11.58 14.98 -24.15
N ARG A 807 10.42 15.54 -23.81
CA ARG A 807 9.19 14.73 -23.79
C ARG A 807 8.75 14.39 -25.20
N LYS A 808 8.78 15.37 -26.11
CA LYS A 808 8.42 15.12 -27.50
C LYS A 808 9.41 14.18 -28.17
N ALA A 809 10.69 14.26 -27.78
CA ALA A 809 11.68 13.33 -28.32
C ALA A 809 11.49 11.92 -27.77
N ALA A 810 11.04 11.79 -26.52
CA ALA A 810 10.78 10.47 -25.97
C ALA A 810 9.54 9.85 -26.62
N TRP A 811 8.52 10.66 -26.89
CA TRP A 811 7.32 10.16 -27.55
C TRP A 811 7.61 9.74 -28.99
N LYS A 812 8.45 10.51 -29.69
CA LYS A 812 8.84 10.12 -31.04
C LYS A 812 9.78 8.93 -31.04
N PHE A 813 10.58 8.77 -29.98
CA PHE A 813 11.50 7.64 -29.91
C PHE A 813 10.77 6.32 -29.76
N ILE A 814 9.73 6.28 -28.93
CA ILE A 814 8.98 5.05 -28.73
C ILE A 814 8.03 4.75 -29.88
N LYS A 815 7.79 5.70 -30.79
CA LYS A 815 7.01 5.43 -31.99
C LYS A 815 7.87 4.87 -33.12
N ASP A 816 9.10 5.36 -33.27
CA ASP A 816 9.98 4.85 -34.32
C ASP A 816 10.51 3.46 -33.97
N ASN A 817 10.81 3.24 -32.70
CA ASN A 817 11.26 1.94 -32.21
C ASN A 817 10.15 1.16 -31.54
N TRP A 818 8.91 1.31 -32.02
CA TRP A 818 7.77 0.68 -31.37
C TRP A 818 7.82 -0.83 -31.53
N GLU A 819 8.28 -1.32 -32.69
CA GLU A 819 8.31 -2.76 -32.92
C GLU A 819 9.22 -3.46 -31.92
N GLU A 820 10.37 -2.85 -31.61
CA GLU A 820 11.28 -3.45 -30.64
C GLU A 820 10.74 -3.31 -29.22
N LEU A 821 10.27 -2.11 -28.87
CA LEU A 821 9.77 -1.88 -27.52
C LEU A 821 8.53 -2.71 -27.21
N TYR A 822 7.63 -2.85 -28.19
CA TYR A 822 6.44 -3.67 -27.97
C TYR A 822 6.80 -5.14 -27.75
N ASN A 823 7.74 -5.66 -28.53
CA ASN A 823 8.20 -7.03 -28.35
C ASN A 823 8.88 -7.23 -27.01
N ARG A 824 9.43 -6.16 -26.43
CA ARG A 824 10.14 -6.29 -25.16
C ARG A 824 9.17 -6.51 -24.00
N TYR A 825 8.16 -5.64 -23.86
CA TYR A 825 7.41 -5.51 -22.62
C TYR A 825 5.91 -5.77 -22.80
N GLN A 826 5.49 -6.37 -23.91
CA GLN A 826 4.07 -6.58 -24.14
C GLN A 826 3.48 -7.51 -23.09
N GLY A 827 2.23 -7.24 -22.71
CA GLY A 827 1.54 -8.05 -21.73
C GLY A 827 2.04 -7.93 -20.31
N GLY A 828 2.97 -7.03 -20.04
CA GLY A 828 3.56 -6.87 -18.73
C GLY A 828 3.27 -5.51 -18.13
N PHE A 829 3.78 -5.33 -16.91
CA PHE A 829 3.60 -4.06 -16.20
C PHE A 829 4.42 -2.95 -16.83
N LEU A 830 5.53 -3.30 -17.48
CA LEU A 830 6.46 -2.28 -17.99
C LEU A 830 5.86 -1.50 -19.15
N ILE A 831 5.02 -2.13 -19.98
CA ILE A 831 4.48 -1.42 -21.13
C ILE A 831 3.48 -0.36 -20.70
N SER A 832 2.78 -0.57 -19.59
CA SER A 832 1.89 0.45 -19.07
C SER A 832 2.67 1.59 -18.41
N ARG A 833 3.77 1.26 -17.74
CA ARG A 833 4.62 2.29 -17.15
C ARG A 833 5.33 3.12 -18.21
N LEU A 834 5.72 2.49 -19.33
CA LEU A 834 6.37 3.24 -20.41
C LEU A 834 5.43 4.26 -21.03
N ILE A 835 4.17 3.88 -21.27
CA ILE A 835 3.20 4.81 -21.83
C ILE A 835 2.88 5.93 -20.85
N LYS A 836 2.76 5.57 -19.57
CA LYS A 836 2.41 6.56 -18.54
C LYS A 836 3.46 7.66 -18.45
N LEU A 837 4.73 7.28 -18.25
CA LEU A 837 5.79 8.25 -18.06
C LEU A 837 6.08 9.09 -19.29
N SER A 838 5.59 8.70 -20.46
CA SER A 838 5.93 9.38 -21.71
C SER A 838 4.91 10.41 -22.14
N VAL A 839 3.62 10.13 -21.95
CA VAL A 839 2.57 10.99 -22.49
C VAL A 839 1.85 11.82 -21.42
N GLU A 840 1.99 11.47 -20.14
CA GLU A 840 1.26 12.19 -19.10
C GLU A 840 1.69 13.65 -19.00
N GLY A 841 2.89 13.97 -19.46
CA GLY A 841 3.37 15.34 -19.38
C GLY A 841 2.86 16.26 -20.48
N PHE A 842 2.20 15.72 -21.48
CA PHE A 842 1.71 16.56 -22.57
C PHE A 842 0.57 17.45 -22.10
N ALA A 843 0.55 18.69 -22.60
CA ALA A 843 -0.42 19.69 -22.20
C ALA A 843 -1.21 20.23 -23.38
N VAL A 844 -1.24 19.51 -24.50
CA VAL A 844 -1.97 19.91 -25.69
C VAL A 844 -3.11 18.92 -25.91
N ASP A 845 -4.33 19.44 -26.04
CA ASP A 845 -5.48 18.58 -26.29
C ASP A 845 -5.38 17.90 -27.65
N LYS A 846 -4.69 18.52 -28.61
CA LYS A 846 -4.43 17.88 -29.88
C LYS A 846 -3.50 16.68 -29.72
N MET A 847 -2.65 16.70 -28.69
CA MET A 847 -1.73 15.59 -28.46
C MET A 847 -2.45 14.39 -27.86
N ALA A 848 -3.48 14.62 -27.05
CA ALA A 848 -4.25 13.50 -26.51
C ALA A 848 -4.90 12.69 -27.62
N GLY A 849 -5.42 13.37 -28.64
CA GLY A 849 -5.94 12.68 -29.81
C GLY A 849 -4.89 12.00 -30.67
N GLU A 850 -3.61 12.31 -30.44
CA GLU A 850 -2.54 11.68 -31.20
C GLU A 850 -2.09 10.36 -30.57
N VAL A 851 -2.07 10.30 -29.23
CA VAL A 851 -1.70 9.05 -28.58
C VAL A 851 -2.85 8.04 -28.68
N LYS A 852 -4.09 8.52 -28.73
CA LYS A 852 -5.22 7.61 -28.91
C LYS A 852 -5.24 7.05 -30.33
N ALA A 853 -4.86 7.86 -31.31
CA ALA A 853 -4.82 7.40 -32.69
C ALA A 853 -3.62 6.49 -32.94
N PHE A 854 -2.54 6.65 -32.17
CA PHE A 854 -1.37 5.79 -32.36
C PHE A 854 -1.64 4.37 -31.88
N PHE A 855 -2.28 4.23 -30.72
CA PHE A 855 -2.55 2.90 -30.16
C PHE A 855 -3.81 2.27 -30.75
N GLU A 856 -4.53 2.95 -31.64
CA GLU A 856 -5.56 2.32 -32.43
C GLU A 856 -5.01 1.68 -33.69
N SER A 857 -3.89 2.18 -34.20
CA SER A 857 -3.19 1.56 -35.32
C SER A 857 -2.11 0.60 -34.86
N HIS A 858 -1.49 0.87 -33.71
CA HIS A 858 -0.50 -0.01 -33.09
C HIS A 858 -1.05 -0.41 -31.73
N PRO A 859 -1.85 -1.46 -31.66
CA PRO A 859 -2.57 -1.76 -30.41
C PRO A 859 -1.65 -2.18 -29.29
N ALA A 860 -2.05 -1.83 -28.07
CA ALA A 860 -1.39 -2.26 -26.84
C ALA A 860 -2.50 -2.73 -25.90
N PRO A 861 -2.85 -4.02 -25.95
CA PRO A 861 -4.05 -4.47 -25.21
C PRO A 861 -3.89 -4.44 -23.70
N SER A 862 -2.74 -4.84 -23.17
CA SER A 862 -2.57 -4.91 -21.72
C SER A 862 -2.58 -3.54 -21.07
N ALA A 863 -2.31 -2.47 -21.83
CA ALA A 863 -2.29 -1.11 -21.30
C ALA A 863 -3.51 -0.32 -21.75
N GLU A 864 -4.65 -1.00 -21.92
CA GLU A 864 -5.86 -0.31 -22.39
C GLU A 864 -6.38 0.67 -21.36
N ARG A 865 -6.24 0.36 -20.06
CA ARG A 865 -6.73 1.24 -19.02
C ARG A 865 -5.80 2.44 -18.80
N THR A 866 -4.50 2.25 -19.02
CA THR A 866 -3.55 3.35 -18.82
C THR A 866 -3.72 4.41 -19.89
N ILE A 867 -4.02 4.00 -21.13
CA ILE A 867 -4.19 4.96 -22.22
C ILE A 867 -5.40 5.85 -21.96
N GLN A 868 -6.47 5.27 -21.40
CA GLN A 868 -7.66 6.07 -21.11
C GLN A 868 -7.41 7.04 -19.97
N GLN A 869 -6.70 6.60 -18.94
CA GLN A 869 -6.36 7.50 -17.84
C GLN A 869 -5.42 8.61 -18.29
N CYS A 870 -4.46 8.28 -19.14
CA CYS A 870 -3.51 9.29 -19.63
C CYS A 870 -4.18 10.28 -20.57
N CYS A 871 -5.08 9.81 -21.43
CA CYS A 871 -5.80 10.71 -22.33
C CYS A 871 -6.67 11.68 -21.54
N GLU A 872 -7.35 11.19 -20.51
CA GLU A 872 -8.12 12.07 -19.63
C GLU A 872 -7.20 13.02 -18.87
N ASN A 873 -5.97 12.58 -18.55
CA ASN A 873 -5.04 13.45 -17.84
C ASN A 873 -4.45 14.52 -18.76
N ILE A 874 -4.24 14.19 -20.04
CA ILE A 874 -3.74 15.20 -20.98
C ILE A 874 -4.80 16.26 -21.22
N LEU A 875 -6.05 15.85 -21.43
CA LEU A 875 -7.12 16.81 -21.63
C LEU A 875 -7.36 17.65 -20.38
N LEU A 876 -7.10 17.08 -19.20
CA LEU A 876 -7.21 17.84 -17.97
C LEU A 876 -6.13 18.91 -17.88
N ASN A 877 -4.88 18.53 -18.16
CA ASN A 877 -3.80 19.50 -18.15
C ASN A 877 -3.94 20.51 -19.27
N ALA A 878 -4.54 20.13 -20.40
CA ALA A 878 -4.71 21.05 -21.51
C ALA A 878 -5.73 22.14 -21.17
N ALA A 879 -6.89 21.75 -20.67
CA ALA A 879 -7.89 22.73 -20.26
C ALA A 879 -7.37 23.60 -19.13
N TRP A 880 -6.67 22.99 -18.17
CA TRP A 880 -6.05 23.74 -17.08
C TRP A 880 -5.05 24.76 -17.62
N LEU A 881 -4.23 24.36 -18.60
CA LEU A 881 -3.22 25.25 -19.14
C LEU A 881 -3.85 26.40 -19.90
N LYS A 882 -4.83 26.11 -20.76
CA LYS A 882 -5.44 27.16 -21.57
C LYS A 882 -6.23 28.15 -20.73
N ARG A 883 -6.75 27.72 -19.59
CA ARG A 883 -7.60 28.60 -18.78
C ARG A 883 -6.79 29.58 -17.95
N ASP A 884 -5.65 29.15 -17.41
CA ASP A 884 -4.92 29.91 -16.41
C ASP A 884 -3.56 30.39 -16.90
N ALA A 885 -3.23 30.19 -18.18
CA ALA A 885 -1.89 30.52 -18.67
C ALA A 885 -1.59 32.00 -18.49
N GLU A 886 -2.37 32.86 -19.15
CA GLU A 886 -2.05 34.28 -19.16
C GLU A 886 -2.27 34.89 -17.78
N SER A 887 -3.17 34.33 -16.98
CA SER A 887 -3.36 34.80 -15.61
C SER A 887 -2.13 34.55 -14.76
N ILE A 888 -1.52 33.37 -14.89
CA ILE A 888 -0.28 33.08 -14.17
C ILE A 888 0.84 34.01 -14.65
N HIS A 889 0.93 34.20 -15.97
CA HIS A 889 1.97 35.06 -16.54
C HIS A 889 1.91 36.46 -15.97
N GLN A 890 0.73 37.08 -16.01
CA GLN A 890 0.60 38.44 -15.50
C GLN A 890 0.76 38.53 -13.99
N TYR A 891 0.52 37.42 -13.27
CA TYR A 891 0.78 37.42 -11.84
C TYR A 891 2.28 37.40 -11.54
N LEU A 892 3.05 36.61 -12.30
CA LEU A 892 4.48 36.51 -12.06
C LEU A 892 5.20 37.81 -12.41
N LEU A 893 4.70 38.55 -13.41
CA LEU A 893 5.33 39.82 -13.77
C LEU A 893 5.05 40.89 -12.72
N GLN A 894 3.82 40.96 -12.22
CA GLN A 894 3.48 41.95 -11.21
C GLN A 894 4.15 41.64 -9.88
N ARG A 895 4.27 40.35 -9.55
CA ARG A 895 4.92 39.96 -8.30
C ARG A 895 6.39 40.35 -8.28
N LYS A 896 7.08 40.23 -9.41
CA LYS A 896 8.49 40.54 -9.47
C LYS A 896 8.76 42.02 -9.24
N ALA A 897 7.81 42.89 -9.58
CA ALA A 897 7.97 44.32 -9.37
C ALA A 897 7.65 44.72 -7.94
N UNK B 1 -3.47 -10.64 3.21
CA UNK B 1 -2.80 -9.91 2.13
C UNK B 1 -1.40 -9.48 2.55
N UNK B 2 -0.35 -9.98 1.90
CA UNK B 2 -0.13 -10.96 0.81
C UNK B 2 -0.71 -10.55 -0.54
N UNK B 3 -1.34 -9.37 -0.60
CA UNK B 3 -1.99 -8.83 -1.79
C UNK B 3 -3.06 -9.77 -2.35
N UNK B 4 -3.36 -10.87 -1.66
CA UNK B 4 -4.42 -11.82 -2.01
C UNK B 4 -4.17 -12.54 -3.33
N UNK B 5 -3.94 -13.86 -3.25
CA UNK B 5 -3.87 -14.76 -4.41
C UNK B 5 -2.74 -14.29 -5.33
N UNK B 6 -2.90 -14.40 -6.65
CA UNK B 6 -1.88 -13.98 -7.60
C UNK B 6 -2.50 -13.51 -8.90
#